data_6WYO
#
_entry.id   6WYO
#
_cell.length_a   53.087
_cell.length_b   123.993
_cell.length_c   55.012
_cell.angle_alpha   90.000
_cell.angle_beta   114.421
_cell.angle_gamma   90.000
#
_symmetry.space_group_name_H-M   'P 1 21 1'
#
loop_
_entity.id
_entity.type
_entity.pdbx_description
1 polymer 'Histone deacetylase 6'
2 non-polymer 'ZINC ION'
3 non-polymer 'POTASSIUM ION'
4 non-polymer 'TRICHOSTATIN A'
5 water water
#
_entity_poly.entity_id   1
_entity_poly.type   'polypeptide(L)'
_entity_poly.pdbx_seq_one_letter_code
;MGSSHHHHHHSSGLVPRGSHMTGTGLVYVDAFTRFHCLWDASFPECPARVSTVMEMLETEGLLGRCVQVEARAVTEDELL
LVHTKEYVELMKSTQNMTEEELKTLAEKYDSVYLHPGFFSSACLSVGSVLQLVDKVMTSQLRNGFSINRPPGHHAQADKM
NGYCMFNNLAIAARYAQKRHRVQRVLIVDWDVHHGQGIQYIFEEDPSVLYFSVHRYEDGSFWPHLKESDSSSVGSGAGQG
YNINLPWNKVGMESGDYITAFQQLLLPVAYEFQPQLVLVAAGFDAVIGDPKGGMQVSPECFSILTHMLKGVAQGRLVLAL
EGGYNLQSTAEGVCASMRSLLGDPCPHLPSSGAPCESALKSISKTISDLYPFWKSLQTFE
;
_entity_poly.pdbx_strand_id   A,B
#
loop_
_chem_comp.id
_chem_comp.type
_chem_comp.name
_chem_comp.formula
K non-polymer 'POTASSIUM ION' 'K 1'
TSN non-polymer 'TRICHOSTATIN A' 'C17 H22 N2 O3'
ZN non-polymer 'ZINC ION' 'Zn 2'
#
# COMPACT_ATOMS: atom_id res chain seq x y z
N THR A 22 -23.61 29.25 20.70
CA THR A 22 -23.59 28.52 21.97
C THR A 22 -24.18 27.12 21.89
N GLY A 23 -24.14 26.51 20.71
CA GLY A 23 -24.48 25.12 20.59
C GLY A 23 -23.44 24.37 19.77
N THR A 24 -23.52 23.04 19.84
CA THR A 24 -22.72 22.14 19.01
C THR A 24 -23.63 21.41 18.03
N GLY A 25 -23.35 21.55 16.75
CA GLY A 25 -24.13 20.89 15.72
C GLY A 25 -23.64 19.49 15.39
N LEU A 26 -24.59 18.66 14.99
CA LEU A 26 -24.36 17.27 14.65
C LEU A 26 -25.15 16.97 13.40
N VAL A 27 -24.49 16.47 12.36
CA VAL A 27 -25.15 16.05 11.12
C VAL A 27 -24.95 14.56 10.92
N TYR A 28 -26.05 13.86 10.64
CA TYR A 28 -26.06 12.45 10.27
C TYR A 28 -27.21 12.23 9.31
N VAL A 29 -26.91 11.86 8.07
CA VAL A 29 -27.97 11.51 7.12
C VAL A 29 -28.36 10.03 7.29
N PHE A 32 -25.72 7.45 4.37
CA PHE A 32 -24.44 7.30 5.06
C PHE A 32 -24.24 5.84 5.37
N THR A 33 -25.37 5.16 5.58
CA THR A 33 -25.37 3.71 5.77
C THR A 33 -25.39 2.98 4.42
N ARG A 34 -26.33 3.34 3.54
CA ARG A 34 -26.60 2.57 2.32
C ARG A 34 -25.45 2.64 1.31
N PHE A 35 -24.23 2.36 1.76
CA PHE A 35 -23.05 2.35 0.90
C PHE A 35 -22.18 1.14 1.22
N PHE A 43 -16.40 -6.15 4.93
CA PHE A 43 -15.35 -5.23 4.52
C PHE A 43 -15.15 -4.07 5.50
N PRO A 44 -13.88 -3.66 5.72
CA PRO A 44 -13.48 -2.51 6.54
C PRO A 44 -14.39 -1.29 6.43
N CYS A 46 -17.69 -0.49 6.11
CA CYS A 46 -18.84 -0.93 6.90
C CYS A 46 -19.82 0.24 7.18
N PRO A 47 -21.12 0.00 6.96
CA PRO A 47 -22.10 1.01 7.39
C PRO A 47 -22.21 1.07 8.90
N ALA A 48 -21.90 -0.04 9.58
CA ALA A 48 -21.87 -0.04 11.04
C ALA A 48 -20.90 1.00 11.59
N ARG A 49 -19.91 1.40 10.80
CA ARG A 49 -18.97 2.45 11.21
C ARG A 49 -19.71 3.64 11.80
N VAL A 50 -20.79 4.06 11.14
CA VAL A 50 -21.43 5.32 11.47
C VAL A 50 -22.65 5.09 12.36
N SER A 51 -23.34 3.96 12.16
CA SER A 51 -24.50 3.69 13.01
C SER A 51 -24.10 3.38 14.45
N THR A 52 -22.95 2.73 14.67
CA THR A 52 -22.47 2.49 16.02
C THR A 52 -22.07 3.78 16.71
N VAL A 53 -21.56 4.77 15.97
CA VAL A 53 -21.22 6.06 16.57
C VAL A 53 -22.47 6.73 17.12
N MET A 54 -23.51 6.87 16.28
CA MET A 54 -24.77 7.45 16.70
C MET A 54 -25.32 6.74 17.93
N GLU A 55 -25.31 5.41 17.90
CA GLU A 55 -25.83 4.64 19.03
C GLU A 55 -25.15 5.02 20.34
N MET A 56 -23.82 5.05 20.33
CA MET A 56 -23.08 5.42 21.54
C MET A 56 -23.24 6.90 21.88
N LEU A 57 -23.38 7.78 20.88
CA LEU A 57 -23.68 9.18 21.18
C LEU A 57 -25.02 9.30 21.90
N GLU A 58 -26.03 8.55 21.44
CA GLU A 58 -27.33 8.56 22.10
C GLU A 58 -27.23 8.00 23.52
N THR A 59 -26.64 6.80 23.66
CA THR A 59 -26.53 6.15 24.96
C THR A 59 -25.85 7.05 26.00
N GLU A 60 -24.72 7.66 25.63
CA GLU A 60 -24.00 8.48 26.60
C GLU A 60 -24.61 9.86 26.79
N GLY A 61 -25.81 10.11 26.27
CA GLY A 61 -26.46 11.38 26.46
C GLY A 61 -25.94 12.55 25.65
N LEU A 62 -24.93 12.33 24.79
CA LEU A 62 -24.34 13.44 24.04
C LEU A 62 -25.19 13.86 22.85
N LEU A 63 -25.86 12.90 22.20
CA LEU A 63 -26.72 13.19 21.04
C LEU A 63 -27.77 14.24 21.39
N GLY A 64 -28.53 14.00 22.46
CA GLY A 64 -29.56 14.94 22.87
C GLY A 64 -29.04 16.32 23.22
N ARG A 65 -27.77 16.43 23.60
CA ARG A 65 -27.18 17.72 23.96
C ARG A 65 -26.70 18.51 22.74
N CYS A 66 -26.77 17.93 21.56
CA CYS A 66 -26.36 18.56 20.31
C CYS A 66 -27.55 19.17 19.59
N VAL A 67 -27.24 20.10 18.69
CA VAL A 67 -28.25 20.65 17.80
C VAL A 67 -28.22 19.81 16.52
N GLN A 68 -29.29 19.04 16.28
CA GLN A 68 -29.37 18.17 15.11
C GLN A 68 -29.54 19.02 13.86
N VAL A 69 -28.55 18.95 12.97
CA VAL A 69 -28.49 19.77 11.76
C VAL A 69 -28.77 18.84 10.58
N GLU A 70 -29.56 19.32 9.63
CA GLU A 70 -29.91 18.48 8.50
C GLU A 70 -28.82 18.54 7.43
N ALA A 71 -28.59 17.42 6.77
CA ALA A 71 -27.63 17.39 5.68
C ALA A 71 -28.24 18.03 4.42
N ARG A 72 -27.39 18.32 3.45
CA ARG A 72 -27.83 18.74 2.13
C ARG A 72 -26.92 18.10 1.09
N ALA A 73 -27.36 18.17 -0.16
CA ALA A 73 -26.56 17.66 -1.27
C ALA A 73 -25.68 18.78 -1.80
N VAL A 74 -24.43 18.45 -2.07
CA VAL A 74 -23.51 19.40 -2.68
C VAL A 74 -23.97 19.74 -4.10
N THR A 75 -23.78 20.97 -4.50
CA THR A 75 -24.02 21.38 -5.88
C THR A 75 -22.75 21.15 -6.70
N GLU A 76 -22.93 21.15 -8.03
CA GLU A 76 -21.79 21.00 -8.91
C GLU A 76 -20.83 22.18 -8.77
N ASP A 77 -21.35 23.39 -8.55
CA ASP A 77 -20.45 24.52 -8.38
C ASP A 77 -19.61 24.39 -7.12
N GLU A 78 -20.19 23.91 -6.02
CA GLU A 78 -19.37 23.66 -4.84
C GLU A 78 -18.31 22.59 -5.13
N LEU A 79 -18.69 21.54 -5.86
CA LEU A 79 -17.69 20.52 -6.24
C LEU A 79 -16.61 21.12 -7.12
N LEU A 80 -16.97 22.07 -8.00
CA LEU A 80 -15.97 22.64 -8.90
C LEU A 80 -14.97 23.56 -8.19
N LEU A 81 -15.17 23.85 -6.90
CA LEU A 81 -14.13 24.55 -6.16
C LEU A 81 -12.84 23.75 -6.12
N VAL A 82 -12.95 22.43 -6.16
CA VAL A 82 -11.81 21.60 -5.86
C VAL A 82 -11.56 20.58 -6.98
N HIS A 83 -12.63 20.08 -7.59
CA HIS A 83 -12.54 18.99 -8.57
C HIS A 83 -12.74 19.48 -10.00
N THR A 84 -12.11 18.80 -10.97
CA THR A 84 -12.24 19.20 -12.36
C THR A 84 -13.65 18.89 -12.89
N LYS A 85 -14.02 19.58 -13.97
CA LYS A 85 -15.34 19.34 -14.58
C LYS A 85 -15.47 17.89 -15.04
N GLU A 86 -14.43 17.37 -15.70
CA GLU A 86 -14.49 16.04 -16.29
C GLU A 86 -14.62 14.96 -15.23
N TYR A 87 -14.06 15.21 -14.04
CA TYR A 87 -14.19 14.26 -12.94
C TYR A 87 -15.61 14.24 -12.40
N VAL A 88 -16.23 15.42 -12.25
CA VAL A 88 -17.59 15.47 -11.73
C VAL A 88 -18.54 14.73 -12.67
N GLU A 89 -18.41 14.99 -13.96
CA GLU A 89 -19.25 14.31 -14.94
C GLU A 89 -19.06 12.80 -14.85
N LEU A 90 -17.80 12.35 -14.83
CA LEU A 90 -17.52 10.94 -14.70
C LEU A 90 -18.13 10.37 -13.42
N MET A 91 -17.99 11.08 -12.31
CA MET A 91 -18.53 10.57 -11.05
C MET A 91 -20.05 10.58 -11.05
N LYS A 92 -20.69 11.53 -11.74
CA LYS A 92 -22.15 11.55 -11.77
C LYS A 92 -22.69 10.36 -12.55
N SER A 93 -22.02 9.98 -13.65
CA SER A 93 -22.46 8.84 -14.44
C SER A 93 -22.24 7.51 -13.73
N THR A 94 -21.69 7.53 -12.51
CA THR A 94 -21.45 6.28 -11.80
C THR A 94 -22.73 5.59 -11.37
N GLN A 95 -23.85 6.32 -11.26
CA GLN A 95 -25.06 5.64 -10.83
C GLN A 95 -25.69 4.85 -11.95
N ASN A 96 -25.68 5.39 -13.16
CA ASN A 96 -26.23 4.73 -14.34
C ASN A 96 -25.25 3.75 -14.98
N MET A 97 -24.48 3.02 -14.16
CA MET A 97 -23.50 2.07 -14.63
C MET A 97 -23.85 0.69 -14.11
N THR A 98 -23.46 -0.34 -14.87
CA THR A 98 -23.68 -1.70 -14.43
C THR A 98 -22.60 -2.11 -13.43
N GLU A 99 -22.81 -3.27 -12.82
CA GLU A 99 -21.84 -3.76 -11.84
C GLU A 99 -20.49 -4.00 -12.48
N GLU A 100 -20.46 -4.31 -13.77
CA GLU A 100 -19.18 -4.51 -14.45
C GLU A 100 -18.54 -3.18 -14.80
N GLU A 101 -19.34 -2.18 -15.16
CA GLU A 101 -18.79 -0.84 -15.40
C GLU A 101 -18.14 -0.28 -14.15
N LEU A 102 -18.74 -0.53 -12.98
CA LEU A 102 -18.19 0.00 -11.73
C LEU A 102 -16.87 -0.68 -11.39
N LYS A 103 -16.84 -2.02 -11.45
CA LYS A 103 -15.61 -2.72 -11.08
C LYS A 103 -14.46 -2.35 -12.01
N THR A 104 -14.76 -2.12 -13.29
CA THR A 104 -13.71 -1.75 -14.25
C THR A 104 -13.12 -0.39 -13.90
N LEU A 105 -13.98 0.58 -13.58
CA LEU A 105 -13.51 1.91 -13.20
C LEU A 105 -12.75 1.87 -11.88
N ALA A 106 -13.24 1.09 -10.92
CA ALA A 106 -12.67 1.09 -9.58
C ALA A 106 -11.22 0.59 -9.59
N GLU A 107 -10.90 -0.36 -10.48
CA GLU A 107 -9.54 -0.89 -10.56
C GLU A 107 -8.57 0.15 -11.09
N LYS A 108 -9.03 1.11 -11.87
CA LYS A 108 -8.17 2.19 -12.31
C LYS A 108 -7.78 3.13 -11.17
N TYR A 109 -8.40 3.00 -9.98
CA TYR A 109 -8.02 3.77 -8.82
C TYR A 109 -7.32 2.89 -7.79
N ASP A 110 -6.71 3.56 -6.80
CA ASP A 110 -6.00 2.88 -5.73
C ASP A 110 -6.93 2.78 -4.51
N SER A 111 -7.29 1.53 -4.16
CA SER A 111 -8.08 1.22 -2.96
C SER A 111 -9.47 1.88 -2.97
N VAL A 112 -10.28 1.52 -3.95
CA VAL A 112 -11.59 2.13 -4.18
C VAL A 112 -12.62 1.07 -4.55
N TYR A 113 -13.78 1.10 -3.91
CA TYR A 113 -14.93 0.27 -4.25
C TYR A 113 -16.09 1.17 -4.70
N LEU A 114 -16.66 0.87 -5.85
CA LEU A 114 -17.76 1.64 -6.40
C LEU A 114 -19.06 0.86 -6.31
N HIS A 115 -20.16 1.56 -6.06
CA HIS A 115 -21.49 1.00 -6.08
C HIS A 115 -22.44 2.08 -6.56
N PRO A 116 -23.61 1.72 -7.09
CA PRO A 116 -24.44 2.71 -7.79
C PRO A 116 -24.90 3.88 -6.92
N GLY A 117 -24.86 3.74 -5.60
CA GLY A 117 -25.24 4.79 -4.68
C GLY A 117 -24.11 5.64 -4.15
N PHE A 118 -22.87 5.40 -4.58
CA PHE A 118 -21.73 6.09 -4.01
C PHE A 118 -21.82 7.60 -4.26
N PHE A 119 -22.14 7.99 -5.50
CA PHE A 119 -22.13 9.40 -5.88
C PHE A 119 -23.12 10.20 -5.05
N SER A 120 -24.33 9.65 -4.88
CA SER A 120 -25.38 10.30 -4.10
C SER A 120 -24.97 10.45 -2.64
N SER A 121 -24.45 9.38 -2.05
CA SER A 121 -23.98 9.46 -0.67
C SER A 121 -22.78 10.40 -0.53
N ALA A 122 -21.89 10.43 -1.52
CA ALA A 122 -20.75 11.32 -1.44
C ALA A 122 -21.18 12.79 -1.54
N CYS A 123 -22.25 13.06 -2.29
CA CYS A 123 -22.76 14.42 -2.36
C CYS A 123 -23.31 14.85 -1.02
N LEU A 124 -24.00 13.94 -0.33
CA LEU A 124 -24.51 14.26 1.00
C LEU A 124 -23.39 14.39 2.02
N SER A 125 -22.31 13.60 1.83
CA SER A 125 -21.17 13.66 2.74
C SER A 125 -20.53 15.05 2.73
N VAL A 126 -20.25 15.58 1.53
CA VAL A 126 -19.74 16.95 1.40
C VAL A 126 -20.73 17.94 2.01
N GLY A 127 -22.01 17.84 1.58
CA GLY A 127 -22.99 18.83 1.99
C GLY A 127 -23.21 18.90 3.48
N SER A 128 -23.00 17.78 4.19
CA SER A 128 -23.12 17.79 5.64
C SER A 128 -22.04 18.66 6.28
N VAL A 129 -20.84 18.70 5.71
CA VAL A 129 -19.83 19.60 6.24
C VAL A 129 -20.21 21.04 5.92
N LEU A 130 -20.64 21.29 4.69
CA LEU A 130 -21.05 22.64 4.33
C LEU A 130 -22.17 23.15 5.23
N GLN A 131 -23.07 22.27 5.69
CA GLN A 131 -24.12 22.72 6.60
C GLN A 131 -23.55 23.22 7.92
N LEU A 132 -22.56 22.51 8.47
CA LEU A 132 -21.93 22.95 9.71
C LEU A 132 -21.12 24.23 9.52
N VAL A 133 -20.39 24.34 8.40
CA VAL A 133 -19.65 25.57 8.13
C VAL A 133 -20.58 26.79 8.10
N ASP A 134 -21.75 26.66 7.45
CA ASP A 134 -22.74 27.73 7.48
C ASP A 134 -23.11 28.13 8.90
N LYS A 135 -23.55 27.14 9.70
CA LYS A 135 -23.97 27.41 11.06
C LYS A 135 -22.84 27.99 11.93
N VAL A 136 -21.59 27.57 11.70
CA VAL A 136 -20.49 28.02 12.55
C VAL A 136 -20.04 29.42 12.17
N MET A 137 -19.93 29.71 10.86
CA MET A 137 -19.43 31.02 10.45
C MET A 137 -20.42 32.15 10.71
N THR A 138 -21.71 31.85 10.73
CA THR A 138 -22.76 32.82 11.04
C THR A 138 -23.09 32.89 12.54
N SER A 139 -22.29 32.25 13.39
CA SER A 139 -22.46 32.28 14.85
C SER A 139 -23.76 31.64 15.33
N GLN A 140 -24.47 30.90 14.46
CA GLN A 140 -25.64 30.18 14.96
C GLN A 140 -25.25 29.04 15.89
N LEU A 141 -24.07 28.45 15.69
CA LEU A 141 -23.51 27.44 16.58
C LEU A 141 -22.07 27.81 16.89
N ARG A 142 -21.55 27.26 17.99
CA ARG A 142 -20.13 27.44 18.30
C ARG A 142 -19.25 26.50 17.48
N ASN A 143 -19.67 25.25 17.31
CA ASN A 143 -18.82 24.27 16.65
C ASN A 143 -19.71 23.14 16.13
N GLY A 144 -19.09 22.12 15.53
CA GLY A 144 -19.86 21.08 14.91
C GLY A 144 -19.06 19.85 14.59
N PHE A 145 -19.78 18.74 14.43
CA PHE A 145 -19.22 17.44 14.11
C PHE A 145 -20.15 16.78 13.10
N SER A 146 -19.64 16.45 11.93
CA SER A 146 -20.40 15.70 10.93
CA SER A 146 -20.39 15.71 10.92
C SER A 146 -20.02 14.23 11.02
N ILE A 147 -21.03 13.36 11.18
CA ILE A 147 -20.80 11.92 11.23
C ILE A 147 -21.13 11.34 9.84
N ASN A 148 -20.24 11.55 8.89
CA ASN A 148 -20.54 11.28 7.50
C ASN A 148 -19.68 10.15 6.94
N ARG A 149 -20.26 9.40 6.02
CA ARG A 149 -19.56 8.48 5.15
C ARG A 149 -20.18 8.66 3.77
N PRO A 150 -19.39 8.55 2.69
CA PRO A 150 -17.95 8.24 2.57
C PRO A 150 -17.00 9.32 3.10
N PRO A 151 -15.76 8.91 3.49
CA PRO A 151 -14.74 9.88 3.92
C PRO A 151 -14.21 10.72 2.76
N GLY A 152 -13.31 11.66 3.05
CA GLY A 152 -12.90 12.62 2.02
C GLY A 152 -11.43 12.83 1.77
N HIS A 153 -10.57 12.63 2.77
CA HIS A 153 -9.25 13.29 2.71
C HIS A 153 -8.30 12.67 1.71
N HIS A 154 -8.63 11.54 1.04
CA HIS A 154 -7.74 11.05 -0.01
C HIS A 154 -8.17 11.50 -1.40
N ALA A 155 -9.37 12.04 -1.55
CA ALA A 155 -9.89 12.35 -2.86
C ALA A 155 -9.13 13.52 -3.47
N GLN A 156 -8.93 13.46 -4.78
CA GLN A 156 -8.06 14.37 -5.51
C GLN A 156 -8.84 15.11 -6.59
N ALA A 157 -8.23 16.17 -7.12
CA ALA A 157 -8.84 16.95 -8.19
C ALA A 157 -9.54 16.07 -9.25
N ASP A 158 -8.88 15.02 -9.73
CA ASP A 158 -9.44 14.26 -10.85
C ASP A 158 -9.45 12.76 -10.64
N LYS A 159 -9.37 12.26 -9.40
CA LYS A 159 -9.48 10.82 -9.21
C LYS A 159 -10.02 10.48 -7.82
N MET A 160 -10.61 9.30 -7.72
CA MET A 160 -10.91 8.70 -6.43
C MET A 160 -9.65 8.10 -5.84
N ASN A 161 -9.66 7.93 -4.52
CA ASN A 161 -8.53 7.30 -3.86
C ASN A 161 -8.94 6.94 -2.45
N GLY A 162 -8.44 5.79 -1.98
CA GLY A 162 -8.70 5.34 -0.62
C GLY A 162 -10.10 5.59 -0.10
N TYR A 163 -11.10 5.07 -0.81
CA TYR A 163 -12.52 5.09 -0.43
C TYR A 163 -13.17 6.46 -0.51
N CYS A 164 -12.48 7.49 -1.00
CA CYS A 164 -13.04 8.83 -1.12
C CYS A 164 -13.32 9.13 -2.58
N MET A 165 -14.47 9.75 -2.83
CA MET A 165 -14.80 10.26 -4.15
C MET A 165 -14.63 11.77 -4.26
N PHE A 166 -15.08 12.52 -3.25
CA PHE A 166 -14.92 13.96 -3.19
C PHE A 166 -14.25 14.34 -1.88
N ASN A 167 -13.47 15.41 -1.92
CA ASN A 167 -12.67 15.81 -0.76
C ASN A 167 -13.53 16.75 0.08
N ASN A 168 -14.24 16.15 1.04
CA ASN A 168 -15.17 16.85 1.90
C ASN A 168 -14.56 18.12 2.50
N LEU A 169 -13.38 18.00 3.11
CA LEU A 169 -12.79 19.12 3.83
C LEU A 169 -12.16 20.13 2.88
N ALA A 170 -11.51 19.66 1.81
CA ALA A 170 -10.95 20.61 0.84
C ALA A 170 -12.06 21.49 0.25
N ILE A 171 -13.19 20.89 -0.10
CA ILE A 171 -14.32 21.66 -0.61
C ILE A 171 -14.81 22.64 0.45
N ALA A 172 -14.97 22.16 1.68
CA ALA A 172 -15.51 22.99 2.74
C ALA A 172 -14.61 24.18 3.04
N ALA A 173 -13.29 24.02 2.85
CA ALA A 173 -12.37 25.12 3.10
C ALA A 173 -12.51 26.21 2.04
N ARG A 174 -12.52 25.83 0.77
CA ARG A 174 -12.71 26.84 -0.27
C ARG A 174 -14.09 27.44 -0.18
N TYR A 175 -15.08 26.66 0.25
CA TYR A 175 -16.43 27.21 0.40
C TYR A 175 -16.49 28.23 1.53
N ALA A 176 -15.72 27.99 2.60
CA ALA A 176 -15.66 28.97 3.67
C ALA A 176 -15.04 30.28 3.16
N GLN A 177 -14.04 30.17 2.29
CA GLN A 177 -13.41 31.36 1.74
C GLN A 177 -14.35 32.10 0.80
N LYS A 178 -14.95 31.37 -0.14
CA LYS A 178 -15.80 32.01 -1.16
C LYS A 178 -17.09 32.57 -0.56
N ARG A 179 -17.88 31.74 0.14
CA ARG A 179 -19.18 32.19 0.62
C ARG A 179 -19.11 32.96 1.93
N HIS A 180 -18.20 32.59 2.83
CA HIS A 180 -18.18 33.25 4.15
C HIS A 180 -16.99 34.19 4.31
N ARG A 181 -16.23 34.46 3.25
CA ARG A 181 -15.17 35.48 3.24
C ARG A 181 -14.04 35.18 4.22
N VAL A 182 -13.82 33.90 4.51
CA VAL A 182 -12.68 33.51 5.31
C VAL A 182 -11.40 33.77 4.53
N GLN A 183 -10.39 34.30 5.19
CA GLN A 183 -9.10 34.43 4.53
C GLN A 183 -8.22 33.21 4.77
N ARG A 184 -8.27 32.64 5.97
CA ARG A 184 -7.28 31.63 6.35
C ARG A 184 -8.00 30.48 7.03
N VAL A 185 -7.87 29.29 6.45
CA VAL A 185 -8.41 28.04 6.98
C VAL A 185 -7.25 27.15 7.41
N LEU A 186 -7.34 26.60 8.63
CA LEU A 186 -6.46 25.57 9.13
C LEU A 186 -7.16 24.20 9.07
N ILE A 187 -6.55 23.25 8.37
CA ILE A 187 -7.04 21.88 8.29
C ILE A 187 -6.08 21.02 9.10
N VAL A 188 -6.63 20.31 10.09
CA VAL A 188 -5.86 19.41 10.93
C VAL A 188 -6.33 17.98 10.66
N ASP A 189 -5.39 17.10 10.35
CA ASP A 189 -5.69 15.72 9.90
C ASP A 189 -5.03 14.75 10.88
N TRP A 190 -5.82 14.18 11.80
CA TRP A 190 -5.28 13.28 12.81
C TRP A 190 -5.69 11.83 12.57
N ASP A 191 -6.32 11.55 11.43
CA ASP A 191 -6.45 10.20 10.92
C ASP A 191 -5.06 9.57 10.77
N VAL A 192 -4.97 8.26 11.04
CA VAL A 192 -3.68 7.60 11.01
C VAL A 192 -3.06 7.60 9.61
N HIS A 193 -3.84 7.86 8.56
CA HIS A 193 -3.28 7.91 7.22
C HIS A 193 -3.06 9.35 6.78
N HIS A 194 -2.09 9.52 5.92
CA HIS A 194 -1.84 10.83 5.33
C HIS A 194 -2.94 11.16 4.33
N GLY A 195 -3.52 12.35 4.47
CA GLY A 195 -4.51 12.82 3.52
C GLY A 195 -3.88 13.50 2.34
N GLN A 196 -3.20 12.72 1.48
CA GLN A 196 -2.49 13.29 0.34
C GLN A 196 -3.41 14.10 -0.56
N GLY A 197 -4.69 13.75 -0.63
CA GLY A 197 -5.61 14.56 -1.42
C GLY A 197 -5.68 16.00 -0.95
N ILE A 198 -5.84 16.22 0.35
CA ILE A 198 -5.85 17.58 0.84
C ILE A 198 -4.50 18.25 0.56
N GLN A 199 -3.40 17.53 0.75
CA GLN A 199 -2.07 18.09 0.49
C GLN A 199 -1.94 18.58 -0.94
N TYR A 200 -2.28 17.73 -1.92
CA TYR A 200 -2.16 18.09 -3.33
C TYR A 200 -2.99 19.33 -3.66
N ILE A 201 -4.27 19.34 -3.25
CA ILE A 201 -5.18 20.40 -3.63
C ILE A 201 -4.64 21.78 -3.22
N PHE A 202 -4.11 21.88 -2.00
CA PHE A 202 -3.66 23.18 -1.48
C PHE A 202 -2.14 23.34 -1.48
N GLU A 203 -1.43 22.49 -2.24
CA GLU A 203 0.04 22.47 -2.20
C GLU A 203 0.68 23.82 -2.52
N GLU A 204 0.06 24.64 -3.37
CA GLU A 204 0.61 25.95 -3.71
C GLU A 204 -0.13 27.08 -3.00
N ASP A 205 -0.88 26.78 -1.96
CA ASP A 205 -1.88 27.74 -1.48
C ASP A 205 -1.57 28.17 -0.06
N PRO A 206 -1.11 29.40 0.14
CA PRO A 206 -0.80 29.85 1.50
C PRO A 206 -2.03 30.17 2.32
N SER A 207 -3.23 30.20 1.73
CA SER A 207 -4.43 30.56 2.50
C SER A 207 -5.03 29.38 3.24
N VAL A 208 -4.63 28.16 2.91
CA VAL A 208 -5.13 26.97 3.58
C VAL A 208 -3.91 26.23 4.09
N LEU A 209 -3.76 26.15 5.40
CA LEU A 209 -2.65 25.45 6.01
C LEU A 209 -3.07 24.02 6.36
N TYR A 210 -2.33 23.04 5.86
CA TYR A 210 -2.66 21.62 6.08
C TYR A 210 -1.61 21.01 7.00
N PHE A 211 -2.07 20.43 8.10
CA PHE A 211 -1.24 19.68 9.03
C PHE A 211 -1.74 18.24 9.08
N SER A 212 -0.83 17.29 8.91
CA SER A 212 -1.17 15.88 8.96
C SER A 212 -0.15 15.18 9.83
N VAL A 213 -0.63 14.42 10.79
CA VAL A 213 0.22 13.48 11.53
C VAL A 213 -0.27 12.09 11.16
N HIS A 214 0.67 11.19 10.87
CA HIS A 214 0.26 9.92 10.29
C HIS A 214 1.35 8.89 10.42
N ARG A 215 0.93 7.63 10.52
CA ARG A 215 1.82 6.51 10.33
C ARG A 215 2.47 6.60 8.96
N TYR A 216 3.76 6.39 8.93
CA TYR A 216 4.54 6.48 7.71
C TYR A 216 5.41 5.24 7.56
N GLU A 217 6.32 5.04 8.54
CA GLU A 217 7.26 3.93 8.51
C GLU A 217 8.10 3.97 7.25
N ASP A 218 8.63 5.17 6.96
CA ASP A 218 9.48 5.43 5.81
C ASP A 218 8.86 4.94 4.51
N GLY A 219 7.55 5.10 4.38
CA GLY A 219 6.86 4.75 3.14
C GLY A 219 6.25 3.37 3.11
N SER A 220 6.54 2.50 4.09
CA SER A 220 6.04 1.14 4.05
C SER A 220 4.57 1.05 4.41
N PHE A 221 4.02 2.08 5.08
CA PHE A 221 2.61 2.16 5.38
C PHE A 221 1.85 2.91 4.29
N TRP A 222 0.64 2.44 3.99
CA TRP A 222 -0.18 3.06 2.95
C TRP A 222 -0.46 4.52 3.31
N PRO A 223 -0.46 5.43 2.34
CA PRO A 223 -0.36 5.16 0.90
C PRO A 223 1.04 5.11 0.26
N HIS A 224 2.12 4.87 1.01
CA HIS A 224 3.44 4.63 0.44
C HIS A 224 3.91 5.77 -0.46
N LEU A 225 3.93 6.99 0.07
CA LEU A 225 4.24 8.17 -0.72
C LEU A 225 5.44 8.91 -0.16
N LYS A 226 6.42 9.19 -1.04
CA LYS A 226 7.52 10.04 -0.60
C LYS A 226 7.00 11.40 -0.15
N GLU A 227 5.98 11.91 -0.84
CA GLU A 227 5.47 13.23 -0.49
C GLU A 227 4.69 13.25 0.82
N SER A 228 4.57 12.13 1.55
CA SER A 228 4.01 12.12 2.90
C SER A 228 5.05 12.45 3.96
N ASP A 229 6.32 12.60 3.56
CA ASP A 229 7.38 12.88 4.50
C ASP A 229 7.41 14.38 4.83
N SER A 230 8.11 14.72 5.91
CA SER A 230 8.12 16.10 6.35
C SER A 230 8.87 17.01 5.38
N SER A 231 9.59 16.46 4.40
CA SER A 231 10.27 17.29 3.42
C SER A 231 9.30 17.96 2.46
N SER A 232 8.06 17.48 2.35
CA SER A 232 7.05 18.12 1.49
C SER A 232 6.37 19.23 2.30
N VAL A 233 6.89 20.45 2.15
CA VAL A 233 6.44 21.60 2.93
C VAL A 233 5.60 22.56 2.09
N GLY A 234 5.19 22.16 0.90
CA GLY A 234 4.49 23.03 -0.02
C GLY A 234 5.43 23.57 -1.10
N SER A 235 4.84 24.10 -2.17
CA SER A 235 5.65 24.63 -3.25
C SER A 235 5.17 26.02 -3.64
N GLY A 236 6.04 26.75 -4.33
CA GLY A 236 5.78 28.14 -4.67
C GLY A 236 5.36 28.92 -3.46
N ALA A 237 4.31 29.72 -3.63
CA ALA A 237 3.86 30.55 -2.52
C ALA A 237 3.30 29.72 -1.38
N GLY A 238 2.96 28.45 -1.64
CA GLY A 238 2.51 27.54 -0.59
C GLY A 238 3.59 27.06 0.35
N GLN A 239 4.86 27.38 0.09
CA GLN A 239 5.94 26.88 0.93
C GLN A 239 5.73 27.29 2.39
N GLY A 240 5.89 26.32 3.30
CA GLY A 240 5.62 26.55 4.70
C GLY A 240 4.22 26.23 5.17
N TYR A 241 3.28 25.98 4.24
CA TYR A 241 1.87 25.82 4.58
C TYR A 241 1.39 24.39 4.40
N ASN A 242 2.32 23.44 4.28
CA ASN A 242 2.00 22.01 4.31
C ASN A 242 2.93 21.38 5.33
N ILE A 243 2.36 20.76 6.36
CA ILE A 243 3.15 20.27 7.49
C ILE A 243 2.81 18.80 7.67
N ASN A 244 3.76 17.92 7.36
CA ASN A 244 3.63 16.48 7.55
C ASN A 244 4.43 16.04 8.76
N LEU A 245 3.79 15.33 9.67
CA LEU A 245 4.46 14.70 10.79
C LEU A 245 4.36 13.18 10.67
N PRO A 246 5.41 12.49 10.17
CA PRO A 246 5.29 11.05 9.91
C PRO A 246 5.81 10.19 11.04
N TRP A 247 5.00 9.28 11.55
CA TRP A 247 5.47 8.34 12.57
C TRP A 247 6.21 7.19 11.89
N ASN A 248 7.42 6.89 12.37
CA ASN A 248 8.22 5.80 11.79
C ASN A 248 8.34 4.59 12.72
N LYS A 249 7.54 4.55 13.80
CA LYS A 249 7.38 3.37 14.63
C LYS A 249 5.90 3.22 14.92
N VAL A 250 5.48 2.00 15.27
CA VAL A 250 4.09 1.76 15.61
C VAL A 250 3.88 1.97 17.10
N GLY A 251 2.63 1.99 17.53
CA GLY A 251 2.36 2.04 18.96
C GLY A 251 2.49 3.40 19.60
N MET A 252 2.39 4.48 18.84
CA MET A 252 2.41 5.81 19.43
C MET A 252 1.23 6.00 20.36
N GLU A 253 1.40 6.88 21.34
CA GLU A 253 0.44 7.05 22.42
C GLU A 253 0.04 8.52 22.56
N SER A 254 -0.87 8.77 23.51
CA SER A 254 -1.41 10.11 23.70
CA SER A 254 -1.42 10.11 23.70
C SER A 254 -0.31 11.13 23.96
N GLY A 255 0.69 10.79 24.77
CA GLY A 255 1.77 11.74 25.03
C GLY A 255 2.50 12.19 23.78
N ASP A 256 2.52 11.35 22.75
CA ASP A 256 3.18 11.68 21.49
C ASP A 256 2.36 12.64 20.65
N TYR A 257 1.05 12.49 20.64
CA TYR A 257 0.20 13.43 19.92
C TYR A 257 0.11 14.77 20.66
N ILE A 258 -0.05 14.73 21.98
CA ILE A 258 -0.06 15.96 22.79
C ILE A 258 1.23 16.74 22.60
N THR A 259 2.38 16.05 22.66
CA THR A 259 3.66 16.72 22.45
C THR A 259 3.77 17.30 21.04
N ALA A 260 3.24 16.57 20.05
CA ALA A 260 3.26 17.05 18.68
C ALA A 260 2.36 18.27 18.49
N PHE A 261 1.19 18.30 19.16
CA PHE A 261 0.31 19.46 19.07
C PHE A 261 0.90 20.68 19.77
N GLN A 262 1.43 20.47 20.98
CA GLN A 262 1.87 21.58 21.81
C GLN A 262 3.14 22.23 21.26
N GLN A 263 4.01 21.46 20.59
CA GLN A 263 5.32 21.94 20.17
C GLN A 263 5.41 22.27 18.68
N LEU A 264 4.44 21.83 17.88
CA LEU A 264 4.51 22.03 16.44
C LEU A 264 3.24 22.67 15.90
N LEU A 265 2.10 22.02 16.11
CA LEU A 265 0.89 22.45 15.43
C LEU A 265 0.35 23.74 16.01
N LEU A 266 0.18 23.78 17.34
CA LEU A 266 -0.38 24.97 17.98
C LEU A 266 0.48 26.22 17.82
N PRO A 267 1.82 26.18 17.97
CA PRO A 267 2.57 27.41 17.70
C PRO A 267 2.39 27.92 16.29
N VAL A 268 2.33 27.03 15.31
CA VAL A 268 2.10 27.48 13.94
C VAL A 268 0.69 28.02 13.81
N ALA A 269 -0.27 27.39 14.50
CA ALA A 269 -1.67 27.82 14.39
C ALA A 269 -1.85 29.24 14.93
N TYR A 270 -1.23 29.56 16.07
CA TYR A 270 -1.40 30.90 16.63
C TYR A 270 -0.70 31.93 15.77
N GLU A 271 0.38 31.54 15.09
CA GLU A 271 1.05 32.44 14.16
C GLU A 271 0.28 32.56 12.86
N PHE A 272 -0.34 31.46 12.40
CA PHE A 272 -1.15 31.51 11.19
C PHE A 272 -2.43 32.31 11.39
N GLN A 273 -3.00 32.27 12.59
CA GLN A 273 -4.25 32.95 12.90
C GLN A 273 -5.38 32.60 11.95
N PRO A 274 -5.78 31.33 11.88
CA PRO A 274 -6.92 30.95 11.04
C PRO A 274 -8.22 31.53 11.57
N GLN A 275 -9.17 31.70 10.66
CA GLN A 275 -10.51 32.10 11.04
C GLN A 275 -11.47 30.93 11.08
N LEU A 276 -11.04 29.76 10.62
CA LEU A 276 -11.83 28.54 10.72
C LEU A 276 -10.85 27.38 10.80
N VAL A 277 -11.17 26.40 11.64
CA VAL A 277 -10.43 25.16 11.77
C VAL A 277 -11.34 24.02 11.31
N LEU A 278 -10.87 23.25 10.34
CA LEU A 278 -11.49 22.01 9.92
C LEU A 278 -10.61 20.84 10.35
N VAL A 279 -11.23 19.75 10.81
CA VAL A 279 -10.47 18.60 11.27
C VAL A 279 -10.86 17.36 10.45
N ALA A 280 -9.85 16.72 9.83
CA ALA A 280 -10.02 15.37 9.29
C ALA A 280 -10.00 14.41 10.47
N ALA A 281 -11.18 14.16 11.04
CA ALA A 281 -11.27 13.43 12.30
C ALA A 281 -11.51 11.95 12.00
N GLY A 282 -10.42 11.28 11.63
CA GLY A 282 -10.41 9.83 11.64
C GLY A 282 -9.99 9.28 13.00
N PHE A 283 -10.34 8.03 13.27
CA PHE A 283 -9.99 7.50 14.59
C PHE A 283 -9.32 6.14 14.47
N ASP A 284 -8.68 5.88 13.33
CA ASP A 284 -7.92 4.67 13.15
C ASP A 284 -6.55 4.75 13.81
N ALA A 285 -6.26 5.80 14.55
CA ALA A 285 -5.10 5.80 15.44
C ALA A 285 -5.46 5.39 16.86
N VAL A 286 -6.75 5.27 17.17
CA VAL A 286 -7.17 4.91 18.52
C VAL A 286 -6.69 3.48 18.84
N ILE A 287 -6.37 3.26 20.11
CA ILE A 287 -6.11 1.92 20.62
C ILE A 287 -7.21 0.97 20.16
N GLY A 288 -6.82 -0.19 19.65
CA GLY A 288 -7.76 -1.20 19.21
C GLY A 288 -8.04 -1.21 17.72
N ASP A 289 -7.63 -0.18 16.99
CA ASP A 289 -7.93 -0.18 15.56
C ASP A 289 -7.15 -1.29 14.88
N PRO A 290 -7.81 -2.14 14.09
CA PRO A 290 -7.11 -3.29 13.49
C PRO A 290 -6.01 -2.91 12.51
N LYS A 291 -6.02 -1.72 11.93
CA LYS A 291 -5.02 -1.43 10.92
C LYS A 291 -4.16 -0.19 11.21
N GLY A 292 -4.54 0.62 12.20
CA GLY A 292 -3.75 1.80 12.48
C GLY A 292 -2.41 1.48 13.14
N GLY A 293 -2.41 0.51 14.04
CA GLY A 293 -1.17 0.15 14.70
C GLY A 293 -0.69 1.14 15.74
N MET A 294 -1.55 2.03 16.21
CA MET A 294 -1.22 2.99 17.25
C MET A 294 -1.97 2.63 18.54
N GLN A 295 -1.56 3.27 19.65
CA GLN A 295 -2.18 2.99 20.95
C GLN A 295 -2.67 4.27 21.62
N VAL A 296 -3.25 5.18 20.84
CA VAL A 296 -3.77 6.43 21.39
C VAL A 296 -5.09 6.15 22.11
N SER A 297 -5.16 6.56 23.38
CA SER A 297 -6.40 6.41 24.13
CA SER A 297 -6.39 6.42 24.14
C SER A 297 -7.47 7.36 23.59
N PRO A 298 -8.72 6.93 23.55
CA PRO A 298 -9.78 7.84 23.03
C PRO A 298 -9.82 9.17 23.76
N GLU A 299 -9.56 9.16 25.08
CA GLU A 299 -9.55 10.39 25.88
C GLU A 299 -8.61 11.43 25.31
N CYS A 300 -7.55 11.00 24.64
CA CYS A 300 -6.61 11.94 24.05
C CYS A 300 -7.33 12.93 23.13
N PHE A 301 -8.32 12.45 22.39
CA PHE A 301 -8.98 13.31 21.42
C PHE A 301 -9.85 14.37 22.09
N SER A 302 -10.23 14.18 23.36
CA SER A 302 -10.77 15.29 24.14
C SER A 302 -9.75 16.41 24.22
N ILE A 303 -8.50 16.07 24.58
CA ILE A 303 -7.45 17.07 24.75
C ILE A 303 -7.15 17.76 23.43
N LEU A 304 -6.91 16.96 22.38
CA LEU A 304 -6.60 17.54 21.07
C LEU A 304 -7.70 18.48 20.60
N THR A 305 -8.96 18.07 20.74
CA THR A 305 -10.07 18.94 20.36
C THR A 305 -10.09 20.21 21.20
N HIS A 306 -9.85 20.07 22.50
CA HIS A 306 -9.84 21.23 23.38
C HIS A 306 -8.76 22.23 22.99
N MET A 307 -7.56 21.75 22.66
CA MET A 307 -6.50 22.64 22.21
C MET A 307 -6.93 23.45 20.99
N LEU A 308 -7.60 22.80 20.04
CA LEU A 308 -7.95 23.47 18.80
C LEU A 308 -9.04 24.52 19.03
N LYS A 309 -9.79 24.41 20.12
CA LYS A 309 -10.81 25.40 20.44
C LYS A 309 -10.22 26.76 20.77
N GLY A 310 -8.93 26.81 21.14
CA GLY A 310 -8.33 28.08 21.45
C GLY A 310 -7.95 28.91 20.25
N VAL A 311 -8.10 28.34 19.08
CA VAL A 311 -7.75 28.98 17.81
C VAL A 311 -9.05 29.37 17.10
N ALA A 312 -9.00 30.44 16.32
CA ALA A 312 -10.09 30.81 15.43
C ALA A 312 -11.39 31.09 16.18
N GLN A 313 -11.29 31.59 17.41
CA GLN A 313 -12.45 31.84 18.27
C GLN A 313 -13.33 30.60 18.41
N GLY A 314 -12.70 29.43 18.43
CA GLY A 314 -13.47 28.23 18.61
C GLY A 314 -14.26 27.77 17.40
N ARG A 315 -14.12 28.42 16.27
CA ARG A 315 -14.89 28.05 15.09
C ARG A 315 -14.25 26.79 14.50
N LEU A 316 -14.84 25.65 14.85
CA LEU A 316 -14.22 24.35 14.72
C LEU A 316 -15.25 23.36 14.19
N VAL A 317 -14.93 22.68 13.10
CA VAL A 317 -15.82 21.70 12.50
C VAL A 317 -15.02 20.41 12.30
N LEU A 318 -15.49 19.32 12.89
CA LEU A 318 -14.88 18.02 12.68
C LEU A 318 -15.74 17.25 11.67
N ALA A 319 -15.07 16.43 10.86
CA ALA A 319 -15.75 15.58 9.90
C ALA A 319 -15.10 14.21 9.89
N LEU A 320 -15.93 13.17 10.01
CA LEU A 320 -15.46 11.80 10.15
C LEU A 320 -14.61 11.37 8.96
N GLU A 321 -13.46 10.73 9.22
CA GLU A 321 -12.74 10.08 8.14
C GLU A 321 -12.70 8.55 8.35
N GLY A 322 -11.52 8.00 8.63
CA GLY A 322 -11.40 6.57 8.82
C GLY A 322 -11.75 6.11 10.23
N GLY A 323 -11.76 4.78 10.40
CA GLY A 323 -12.02 4.17 11.69
C GLY A 323 -12.60 2.80 11.49
N TYR A 324 -11.91 1.74 11.95
CA TYR A 324 -12.27 0.38 11.58
C TYR A 324 -12.48 -0.56 12.76
N ASN A 325 -12.40 -0.06 13.98
CA ASN A 325 -12.90 -0.75 15.15
C ASN A 325 -14.11 0.05 15.58
N LEU A 326 -15.29 -0.53 15.40
CA LEU A 326 -16.54 0.20 15.62
C LEU A 326 -16.55 0.85 16.99
N GLN A 327 -16.03 0.15 17.99
CA GLN A 327 -16.08 0.65 19.36
C GLN A 327 -15.02 1.71 19.61
N SER A 328 -13.79 1.44 19.18
CA SER A 328 -12.74 2.45 19.27
C SER A 328 -13.17 3.73 18.57
N THR A 329 -13.77 3.61 17.39
CA THR A 329 -14.16 4.79 16.64
C THR A 329 -15.24 5.56 17.37
N ALA A 330 -16.23 4.84 17.90
CA ALA A 330 -17.32 5.50 18.63
C ALA A 330 -16.80 6.20 19.89
N GLU A 331 -15.83 5.60 20.58
CA GLU A 331 -15.27 6.26 21.75
C GLU A 331 -14.50 7.53 21.37
N GLY A 332 -13.74 7.47 20.27
CA GLY A 332 -13.03 8.66 19.83
C GLY A 332 -13.97 9.81 19.49
N VAL A 333 -15.05 9.50 18.78
CA VAL A 333 -16.08 10.50 18.48
C VAL A 333 -16.63 11.09 19.79
N CYS A 334 -16.97 10.23 20.74
CA CYS A 334 -17.59 10.69 21.99
C CYS A 334 -16.64 11.57 22.78
N ALA A 335 -15.36 11.16 22.89
CA ALA A 335 -14.39 12.01 23.55
C ALA A 335 -14.24 13.36 22.85
N SER A 336 -14.21 13.36 21.51
CA SER A 336 -14.17 14.63 20.78
C SER A 336 -15.43 15.46 21.05
N MET A 337 -16.59 14.81 21.02
CA MET A 337 -17.86 15.53 21.17
C MET A 337 -17.98 16.16 22.56
N ARG A 338 -17.45 15.48 23.58
CA ARG A 338 -17.51 16.03 24.92
C ARG A 338 -16.79 17.38 25.00
N SER A 339 -15.62 17.49 24.36
CA SER A 339 -14.92 18.78 24.38
C SER A 339 -15.67 19.83 23.58
N LEU A 340 -16.13 19.47 22.38
CA LEU A 340 -16.96 20.39 21.61
C LEU A 340 -18.08 20.96 22.47
N LEU A 341 -18.76 20.10 23.25
CA LEU A 341 -19.84 20.55 24.13
C LEU A 341 -19.35 21.34 25.34
N GLY A 342 -18.05 21.36 25.62
CA GLY A 342 -17.50 22.07 26.76
C GLY A 342 -17.40 21.29 28.06
N ASP A 343 -17.65 19.97 28.04
CA ASP A 343 -17.48 19.14 29.23
C ASP A 343 -16.01 19.13 29.68
N PRO A 344 -15.75 18.92 30.97
CA PRO A 344 -14.37 18.95 31.44
C PRO A 344 -13.50 17.89 30.78
N CYS A 345 -12.23 18.23 30.60
CA CYS A 345 -11.29 17.29 30.01
C CYS A 345 -11.14 16.06 30.92
N PRO A 346 -10.93 14.89 30.33
CA PRO A 346 -10.84 13.67 31.12
C PRO A 346 -9.43 13.46 31.65
N HIS A 347 -9.32 12.48 32.54
CA HIS A 347 -8.03 12.01 32.99
C HIS A 347 -7.38 11.16 31.89
N LEU A 348 -6.10 11.42 31.61
CA LEU A 348 -5.36 10.64 30.62
C LEU A 348 -4.68 9.46 31.29
N PRO A 349 -5.03 8.23 30.95
CA PRO A 349 -4.38 7.08 31.59
C PRO A 349 -2.91 6.94 31.24
N SER A 350 -2.47 7.51 30.13
CA SER A 350 -1.12 7.30 29.67
C SER A 350 -0.19 8.39 30.19
N SER A 351 1.10 8.09 30.17
CA SER A 351 2.12 9.07 30.52
C SER A 351 2.01 10.32 29.67
N GLY A 352 2.29 11.47 30.29
CA GLY A 352 2.39 12.67 29.49
C GLY A 352 3.66 12.80 28.68
N ALA A 353 4.62 11.77 28.77
CA ALA A 353 5.96 11.83 28.18
C ALA A 353 5.97 11.21 26.78
N PRO A 354 6.57 11.87 25.81
CA PRO A 354 6.68 11.27 24.47
C PRO A 354 7.89 10.34 24.36
N CYS A 355 7.72 9.29 23.55
CA CYS A 355 8.82 8.36 23.30
C CYS A 355 9.87 9.03 22.40
N GLU A 356 11.03 8.37 22.29
CA GLU A 356 12.14 8.98 21.59
C GLU A 356 11.91 8.94 20.07
N SER A 357 11.22 7.93 19.57
CA SER A 357 10.91 7.88 18.14
C SER A 357 10.00 9.04 17.75
N ALA A 358 9.00 9.34 18.58
CA ALA A 358 8.14 10.50 18.32
C ALA A 358 8.94 11.80 18.37
N LEU A 359 9.86 11.93 19.33
CA LEU A 359 10.66 13.16 19.42
C LEU A 359 11.56 13.35 18.20
N LYS A 360 12.02 12.26 17.58
CA LYS A 360 12.79 12.39 16.35
C LYS A 360 11.92 12.91 15.20
N SER A 361 10.81 12.22 14.91
CA SER A 361 9.84 12.72 13.94
C SER A 361 9.51 14.20 14.19
N ILE A 362 9.16 14.55 15.42
CA ILE A 362 8.78 15.93 15.70
C ILE A 362 9.95 16.86 15.41
N SER A 363 11.16 16.47 15.84
CA SER A 363 12.33 17.30 15.62
C SER A 363 12.59 17.54 14.14
N LYS A 364 12.48 16.49 13.32
CA LYS A 364 12.77 16.66 11.90
C LYS A 364 11.72 17.53 11.19
N THR A 365 10.44 17.40 11.55
CA THR A 365 9.44 18.28 10.93
C THR A 365 9.68 19.74 11.32
N ILE A 366 9.99 20.00 12.60
CA ILE A 366 10.26 21.38 13.02
C ILE A 366 11.43 21.94 12.23
N SER A 367 12.48 21.14 12.06
CA SER A 367 13.65 21.54 11.28
C SER A 367 13.29 21.83 9.82
N ASP A 368 12.48 20.96 9.20
CA ASP A 368 12.07 21.20 7.82
C ASP A 368 11.21 22.45 7.63
N LEU A 369 10.52 22.90 8.67
CA LEU A 369 9.65 24.07 8.59
C LEU A 369 10.23 25.29 9.28
N TYR A 370 11.44 25.20 9.83
CA TYR A 370 12.05 26.31 10.58
C TYR A 370 12.07 27.62 9.79
N PRO A 371 12.57 27.68 8.55
CA PRO A 371 12.63 28.97 7.85
C PRO A 371 11.28 29.66 7.62
N PHE A 372 10.15 29.02 7.94
CA PHE A 372 8.86 29.57 7.57
C PHE A 372 8.03 30.07 8.73
N TRP A 373 8.33 29.64 9.95
CA TRP A 373 7.51 29.97 11.10
C TRP A 373 8.42 30.47 12.22
N LYS A 374 8.27 31.75 12.58
CA LYS A 374 9.06 32.32 13.65
C LYS A 374 8.84 31.58 14.97
N SER A 375 7.62 31.10 15.20
CA SER A 375 7.29 30.48 16.48
C SER A 375 8.00 29.16 16.71
N LEU A 376 8.58 28.56 15.67
CA LEU A 376 9.32 27.32 15.87
C LEU A 376 10.76 27.54 16.22
N GLN A 377 11.28 28.76 15.98
CA GLN A 377 12.71 29.04 16.02
C GLN A 377 13.20 29.33 17.44
N THR A 378 12.78 28.53 18.41
CA THR A 378 13.28 28.64 19.78
C THR A 378 14.77 28.34 19.82
N THR B 22 23.41 -30.99 -16.96
CA THR B 22 24.37 -31.70 -16.14
C THR B 22 24.68 -30.95 -14.84
N GLY B 23 24.73 -29.62 -14.90
CA GLY B 23 25.01 -28.80 -13.74
C GLY B 23 23.96 -27.72 -13.52
N THR B 24 24.21 -26.92 -12.49
CA THR B 24 23.33 -25.81 -12.10
C THR B 24 23.94 -24.48 -12.58
N GLY B 25 23.16 -23.73 -13.37
CA GLY B 25 23.62 -22.42 -13.82
C GLY B 25 23.35 -21.30 -12.84
N LEU B 26 24.28 -20.35 -12.76
CA LEU B 26 24.14 -19.14 -11.94
C LEU B 26 24.52 -17.93 -12.78
N VAL B 27 23.65 -16.93 -12.83
CA VAL B 27 23.95 -15.67 -13.50
C VAL B 27 23.99 -14.53 -12.50
N TYR B 28 24.99 -13.67 -12.67
CA TYR B 28 25.15 -12.44 -11.90
C TYR B 28 26.13 -11.52 -12.63
N VAL B 29 25.79 -10.24 -12.78
CA VAL B 29 26.73 -9.26 -13.31
C VAL B 29 26.68 -8.02 -12.43
N ASP B 30 27.83 -7.34 -12.32
CA ASP B 30 27.98 -6.22 -11.42
C ASP B 30 26.98 -5.12 -11.72
N ALA B 31 26.57 -4.96 -12.99
CA ALA B 31 25.61 -3.91 -13.32
C ALA B 31 24.29 -4.07 -12.57
N PHE B 32 24.01 -5.26 -12.03
CA PHE B 32 22.89 -5.45 -11.11
C PHE B 32 22.99 -4.50 -9.91
N THR B 33 24.20 -4.21 -9.46
CA THR B 33 24.39 -3.26 -8.37
C THR B 33 24.44 -1.81 -8.85
N ARG B 34 24.37 -1.57 -10.17
CA ARG B 34 24.61 -0.26 -10.76
C ARG B 34 23.36 0.61 -10.86
N PHE B 35 22.47 0.51 -9.87
CA PHE B 35 21.31 1.41 -9.72
C PHE B 35 20.81 1.30 -8.29
N HIS B 36 20.21 2.38 -7.81
CA HIS B 36 19.83 2.48 -6.41
C HIS B 36 18.93 3.70 -6.23
N CYS B 37 18.36 3.83 -5.03
CA CYS B 37 17.46 4.93 -4.72
C CYS B 37 18.22 6.25 -4.67
N LEU B 38 17.81 7.21 -5.51
CA LEU B 38 18.54 8.47 -5.61
C LEU B 38 18.33 9.36 -4.38
N TRP B 39 17.17 9.25 -3.70
CA TRP B 39 16.82 10.13 -2.59
C TRP B 39 16.69 9.39 -1.26
N ASP B 40 17.34 8.22 -1.11
CA ASP B 40 17.31 7.45 0.14
C ASP B 40 18.38 6.35 0.09
N ALA B 41 19.54 6.62 0.71
CA ALA B 41 20.67 5.72 0.62
C ALA B 41 20.57 4.51 1.56
N SER B 42 19.55 4.44 2.41
CA SER B 42 19.26 3.26 3.20
C SER B 42 17.98 2.57 2.71
N PHE B 43 17.66 2.73 1.43
CA PHE B 43 16.39 2.23 0.92
C PHE B 43 16.42 0.71 0.83
N PRO B 44 15.33 0.04 1.24
CA PRO B 44 15.35 -1.43 1.37
C PRO B 44 15.74 -2.16 0.09
N GLU B 45 15.11 -1.83 -1.03
CA GLU B 45 15.53 -2.37 -2.32
C GLU B 45 16.82 -1.65 -2.74
N CYS B 46 17.97 -2.29 -2.48
CA CYS B 46 19.29 -1.67 -2.63
C CYS B 46 20.26 -2.61 -3.31
N PRO B 47 21.43 -2.12 -3.77
CA PRO B 47 22.44 -3.04 -4.35
C PRO B 47 23.02 -4.03 -3.35
N ALA B 48 22.94 -3.77 -2.05
CA ALA B 48 23.46 -4.72 -1.07
C ALA B 48 22.72 -6.05 -1.10
N ARG B 49 21.50 -6.06 -1.64
CA ARG B 49 20.72 -7.29 -1.78
C ARG B 49 21.48 -8.34 -2.61
N VAL B 50 22.01 -7.94 -3.77
CA VAL B 50 22.55 -8.94 -4.69
C VAL B 50 23.97 -9.34 -4.32
N SER B 51 24.72 -8.47 -3.63
CA SER B 51 26.12 -8.80 -3.34
C SER B 51 26.28 -9.64 -2.09
N THR B 52 25.42 -9.43 -1.09
CA THR B 52 25.47 -10.31 0.08
C THR B 52 25.12 -11.74 -0.28
N VAL B 53 24.33 -11.94 -1.34
CA VAL B 53 23.95 -13.30 -1.73
C VAL B 53 25.14 -14.02 -2.34
N MET B 54 25.81 -13.35 -3.30
CA MET B 54 27.01 -13.91 -3.90
C MET B 54 28.07 -14.21 -2.86
N GLU B 55 28.13 -13.41 -1.79
CA GLU B 55 29.14 -13.63 -0.77
C GLU B 55 28.88 -14.92 -0.01
N MET B 56 27.63 -15.16 0.38
CA MET B 56 27.32 -16.38 1.13
C MET B 56 27.38 -17.62 0.24
N LEU B 57 27.10 -17.47 -1.06
CA LEU B 57 27.20 -18.62 -1.95
C LEU B 57 28.64 -19.09 -2.10
N GLU B 58 29.61 -18.17 -2.00
CA GLU B 58 31.02 -18.54 -1.98
C GLU B 58 31.41 -19.12 -0.63
N THR B 59 30.99 -18.46 0.43
CA THR B 59 31.34 -18.89 1.78
C THR B 59 30.90 -20.32 2.03
N GLU B 60 29.68 -20.66 1.63
CA GLU B 60 29.17 -22.01 1.78
C GLU B 60 29.68 -22.95 0.70
N GLY B 61 30.51 -22.47 -0.23
CA GLY B 61 31.06 -23.32 -1.27
C GLY B 61 30.11 -23.65 -2.40
N LEU B 62 28.95 -22.99 -2.47
CA LEU B 62 28.00 -23.30 -3.52
C LEU B 62 28.36 -22.64 -4.84
N LEU B 63 29.04 -21.49 -4.78
CA LEU B 63 29.39 -20.74 -5.99
C LEU B 63 30.28 -21.55 -6.93
N GLY B 64 31.36 -22.11 -6.40
CA GLY B 64 32.27 -22.86 -7.24
C GLY B 64 31.61 -24.08 -7.88
N ARG B 65 30.61 -24.64 -7.22
CA ARG B 65 29.93 -25.81 -7.76
C ARG B 65 28.97 -25.47 -8.90
N CYS B 66 28.65 -24.20 -9.10
CA CYS B 66 27.74 -23.87 -10.19
C CYS B 66 28.51 -23.62 -11.49
N VAL B 67 27.78 -23.61 -12.60
CA VAL B 67 28.33 -23.24 -13.91
C VAL B 67 28.10 -21.75 -14.11
N GLN B 68 29.19 -20.98 -14.24
CA GLN B 68 29.06 -19.54 -14.45
C GLN B 68 28.43 -19.26 -15.81
N VAL B 69 27.30 -18.57 -15.82
CA VAL B 69 26.60 -18.21 -17.05
C VAL B 69 26.74 -16.70 -17.22
N GLU B 70 27.10 -16.29 -18.43
CA GLU B 70 27.29 -14.88 -18.74
C GLU B 70 25.93 -14.24 -18.93
N ALA B 71 25.72 -13.07 -18.32
CA ALA B 71 24.47 -12.41 -18.61
C ALA B 71 24.50 -11.74 -19.98
N ARG B 72 23.33 -11.35 -20.44
CA ARG B 72 23.17 -10.61 -21.67
C ARG B 72 22.06 -9.60 -21.45
N ALA B 73 22.01 -8.62 -22.34
CA ALA B 73 20.99 -7.60 -22.28
C ALA B 73 19.84 -8.01 -23.18
N VAL B 74 18.62 -7.84 -22.67
CA VAL B 74 17.43 -8.17 -23.44
C VAL B 74 17.36 -7.26 -24.67
N THR B 75 16.73 -7.75 -25.73
CA THR B 75 16.51 -6.98 -26.94
C THR B 75 15.16 -6.26 -26.89
N GLU B 76 15.00 -5.27 -27.77
CA GLU B 76 13.71 -4.59 -27.88
C GLU B 76 12.60 -5.58 -28.25
N ASP B 77 12.88 -6.49 -29.19
CA ASP B 77 11.84 -7.42 -29.62
C ASP B 77 11.43 -8.35 -28.49
N GLU B 78 12.38 -8.76 -27.62
CA GLU B 78 12.02 -9.59 -26.49
C GLU B 78 11.14 -8.84 -25.48
N LEU B 79 11.47 -7.59 -25.18
CA LEU B 79 10.64 -6.80 -24.27
C LEU B 79 9.21 -6.67 -24.78
N LEU B 80 9.03 -6.60 -26.09
CA LEU B 80 7.69 -6.43 -26.65
C LEU B 80 6.90 -7.71 -26.64
N LEU B 81 7.48 -8.83 -26.23
CA LEU B 81 6.67 -10.00 -25.93
C LEU B 81 5.66 -9.71 -24.82
N VAL B 82 5.91 -8.71 -23.98
CA VAL B 82 5.10 -8.47 -22.80
C VAL B 82 4.74 -6.99 -22.65
N HIS B 83 5.69 -6.13 -22.96
CA HIS B 83 5.51 -4.70 -22.76
C HIS B 83 5.09 -4.01 -24.06
N THR B 84 4.64 -2.77 -23.94
CA THR B 84 4.24 -1.98 -25.09
C THR B 84 5.37 -1.08 -25.56
N LYS B 85 5.33 -0.75 -26.86
CA LYS B 85 6.35 0.09 -27.47
C LYS B 85 6.45 1.45 -26.77
N GLU B 86 5.31 2.08 -26.47
CA GLU B 86 5.34 3.38 -25.81
C GLU B 86 6.02 3.30 -24.45
N TYR B 87 5.84 2.18 -23.74
CA TYR B 87 6.43 2.04 -22.41
C TYR B 87 7.93 1.74 -22.50
N VAL B 88 8.35 0.88 -23.42
CA VAL B 88 9.78 0.59 -23.55
C VAL B 88 10.57 1.88 -23.80
N GLU B 89 10.08 2.71 -24.72
CA GLU B 89 10.81 3.92 -25.09
C GLU B 89 10.86 4.93 -23.96
N LEU B 90 9.77 5.08 -23.22
CA LEU B 90 9.80 5.93 -22.03
C LEU B 90 10.83 5.44 -21.02
N MET B 91 10.95 4.13 -20.86
CA MET B 91 11.94 3.59 -19.94
C MET B 91 13.37 3.86 -20.42
N LYS B 92 13.63 3.63 -21.71
CA LYS B 92 14.92 3.95 -22.30
C LYS B 92 15.34 5.40 -22.04
N SER B 93 14.38 6.31 -22.00
CA SER B 93 14.67 7.72 -21.84
C SER B 93 15.11 8.09 -20.43
N THR B 94 14.92 7.20 -19.45
CA THR B 94 15.20 7.58 -18.07
C THR B 94 16.69 7.73 -17.82
N GLN B 95 17.54 7.14 -18.65
CA GLN B 95 18.98 7.36 -18.48
C GLN B 95 19.40 8.80 -18.80
N ASN B 96 18.48 9.64 -19.29
CA ASN B 96 18.78 11.02 -19.67
C ASN B 96 18.15 12.07 -18.77
N MET B 97 17.55 11.66 -17.66
CA MET B 97 16.79 12.59 -16.85
C MET B 97 17.60 13.01 -15.63
N THR B 98 17.30 14.22 -15.14
CA THR B 98 17.86 14.65 -13.88
C THR B 98 17.18 13.90 -12.73
N GLU B 99 17.78 13.99 -11.54
CA GLU B 99 17.15 13.37 -10.38
C GLU B 99 15.78 13.97 -10.11
N GLU B 100 15.56 15.24 -10.51
CA GLU B 100 14.25 15.86 -10.33
C GLU B 100 13.24 15.32 -11.33
N GLU B 101 13.62 15.19 -12.61
CA GLU B 101 12.72 14.58 -13.58
C GLU B 101 12.40 13.13 -13.21
N LEU B 102 13.40 12.36 -12.81
CA LEU B 102 13.17 11.00 -12.36
C LEU B 102 12.16 10.97 -11.22
N LYS B 103 12.35 11.85 -10.22
CA LYS B 103 11.41 11.93 -9.11
C LYS B 103 10.00 12.16 -9.62
N THR B 104 9.87 12.94 -10.69
CA THR B 104 8.55 13.30 -11.19
C THR B 104 7.87 12.12 -11.88
N LEU B 105 8.63 11.29 -12.59
CA LEU B 105 8.01 10.18 -13.31
C LEU B 105 7.71 9.02 -12.37
N ALA B 106 8.59 8.79 -11.39
CA ALA B 106 8.34 7.76 -10.40
C ALA B 106 7.04 8.01 -9.64
N GLU B 107 6.72 9.28 -9.36
CA GLU B 107 5.46 9.61 -8.69
C GLU B 107 4.26 9.20 -9.52
N LYS B 108 4.41 9.10 -10.84
CA LYS B 108 3.31 8.62 -11.66
C LYS B 108 3.07 7.11 -11.51
N TYR B 109 3.83 6.42 -10.67
CA TYR B 109 3.67 4.98 -10.47
C TYR B 109 3.57 4.69 -8.99
N ASP B 110 3.20 3.45 -8.67
CA ASP B 110 3.03 3.04 -7.27
C ASP B 110 4.32 2.34 -6.81
N SER B 111 4.94 2.89 -5.76
CA SER B 111 6.11 2.29 -5.09
C SER B 111 7.27 2.04 -6.06
N VAL B 112 7.76 3.12 -6.65
CA VAL B 112 8.83 3.07 -7.64
C VAL B 112 9.84 4.16 -7.33
N TYR B 113 11.13 3.81 -7.36
CA TYR B 113 12.22 4.78 -7.41
C TYR B 113 12.94 4.64 -8.74
N LEU B 114 13.45 5.74 -9.25
CA LEU B 114 14.13 5.74 -10.54
C LEU B 114 15.57 6.22 -10.39
N HIS B 115 16.32 6.01 -11.47
CA HIS B 115 17.77 6.20 -11.48
C HIS B 115 18.23 6.15 -12.93
N PRO B 116 19.31 6.86 -13.29
CA PRO B 116 19.80 6.79 -14.68
C PRO B 116 20.23 5.38 -15.10
N GLY B 117 20.83 4.61 -14.20
CA GLY B 117 21.24 3.25 -14.48
C GLY B 117 20.18 2.18 -14.30
N PHE B 118 18.93 2.55 -14.01
CA PHE B 118 17.88 1.57 -13.81
C PHE B 118 17.60 0.79 -15.08
N PHE B 119 17.40 1.50 -16.19
CA PHE B 119 16.96 0.84 -17.42
C PHE B 119 17.94 -0.22 -17.87
N SER B 120 19.23 0.10 -17.88
CA SER B 120 20.23 -0.84 -18.36
C SER B 120 20.36 -2.03 -17.43
N SER B 121 20.39 -1.79 -16.11
CA SER B 121 20.36 -2.91 -15.18
C SER B 121 19.15 -3.81 -15.43
N ALA B 122 17.95 -3.21 -15.49
CA ALA B 122 16.74 -3.98 -15.78
C ALA B 122 16.87 -4.78 -17.06
N CYS B 123 17.60 -4.26 -18.05
CA CYS B 123 17.80 -4.98 -19.30
C CYS B 123 18.71 -6.19 -19.09
N LEU B 124 19.77 -6.02 -18.30
CA LEU B 124 20.59 -7.17 -17.97
C LEU B 124 19.82 -8.14 -17.07
N SER B 125 18.89 -7.63 -16.27
CA SER B 125 18.14 -8.48 -15.36
C SER B 125 17.24 -9.44 -16.12
N VAL B 126 16.52 -8.92 -17.13
CA VAL B 126 15.70 -9.79 -17.95
C VAL B 126 16.56 -10.81 -18.67
N GLY B 127 17.59 -10.32 -19.38
CA GLY B 127 18.39 -11.19 -20.20
C GLY B 127 19.10 -12.29 -19.43
N SER B 128 19.44 -12.02 -18.16
CA SER B 128 20.07 -13.04 -17.35
C SER B 128 19.14 -14.25 -17.16
N VAL B 129 17.83 -14.04 -17.23
CA VAL B 129 16.90 -15.16 -17.15
C VAL B 129 16.76 -15.85 -18.50
N LEU B 130 16.66 -15.08 -19.59
CA LEU B 130 16.61 -15.67 -20.93
C LEU B 130 17.85 -16.55 -21.19
N GLN B 131 19.00 -16.19 -20.64
CA GLN B 131 20.19 -17.02 -20.77
C GLN B 131 19.98 -18.39 -20.14
N LEU B 132 19.47 -18.40 -18.90
CA LEU B 132 19.26 -19.68 -18.23
C LEU B 132 18.19 -20.49 -18.94
N VAL B 133 17.14 -19.82 -19.43
CA VAL B 133 16.10 -20.53 -20.17
C VAL B 133 16.69 -21.20 -21.41
N ASP B 134 17.62 -20.53 -22.10
CA ASP B 134 18.24 -21.12 -23.28
C ASP B 134 18.99 -22.39 -22.91
N LYS B 135 19.84 -22.30 -21.89
CA LYS B 135 20.66 -23.45 -21.54
C LYS B 135 19.80 -24.60 -21.02
N VAL B 136 18.80 -24.29 -20.18
CA VAL B 136 17.96 -25.33 -19.60
C VAL B 136 17.11 -25.99 -20.67
N MET B 137 16.53 -25.20 -21.58
CA MET B 137 15.66 -25.80 -22.59
C MET B 137 16.46 -26.61 -23.62
N THR B 138 17.71 -26.25 -23.85
CA THR B 138 18.56 -26.98 -24.78
C THR B 138 19.32 -28.10 -24.09
N SER B 139 19.02 -28.37 -22.82
CA SER B 139 19.65 -29.43 -22.04
C SER B 139 21.14 -29.24 -21.86
N GLN B 140 21.64 -28.02 -22.04
CA GLN B 140 23.00 -27.75 -21.64
C GLN B 140 23.16 -27.60 -20.13
N LEU B 141 22.05 -27.43 -19.39
CA LEU B 141 22.06 -27.43 -17.93
C LEU B 141 20.80 -28.09 -17.41
N ARG B 142 20.89 -28.60 -16.18
CA ARG B 142 19.72 -29.17 -15.51
C ARG B 142 18.77 -28.09 -15.00
N ASN B 143 19.32 -27.00 -14.45
CA ASN B 143 18.51 -25.96 -13.84
C ASN B 143 19.41 -24.74 -13.66
N GLY B 144 18.84 -23.67 -13.10
CA GLY B 144 19.67 -22.50 -12.82
C GLY B 144 19.00 -21.47 -11.93
N PHE B 145 19.81 -20.51 -11.51
CA PHE B 145 19.38 -19.45 -10.61
C PHE B 145 20.04 -18.14 -11.04
N SER B 146 19.23 -17.12 -11.28
CA SER B 146 19.73 -15.77 -11.56
CA SER B 146 19.73 -15.77 -11.56
C SER B 146 19.63 -14.93 -10.30
N ILE B 147 20.75 -14.34 -9.90
CA ILE B 147 20.79 -13.44 -8.75
C ILE B 147 20.71 -12.00 -9.26
N ASN B 148 19.54 -11.62 -9.75
CA ASN B 148 19.37 -10.38 -10.47
C ASN B 148 18.56 -9.37 -9.68
N ARG B 149 18.80 -8.10 -9.97
CA ARG B 149 17.92 -7.00 -9.62
C ARG B 149 18.07 -5.99 -10.74
N PRO B 150 17.03 -5.19 -11.04
CA PRO B 150 15.77 -5.08 -10.32
C PRO B 150 14.88 -6.31 -10.46
N PRO B 151 13.93 -6.45 -9.52
CA PRO B 151 12.95 -7.55 -9.59
C PRO B 151 11.97 -7.32 -10.73
N GLY B 152 11.06 -8.25 -10.99
CA GLY B 152 10.17 -8.07 -12.12
C GLY B 152 8.69 -8.35 -11.91
N HIS B 153 8.29 -9.04 -10.84
CA HIS B 153 6.97 -9.66 -10.93
C HIS B 153 5.81 -8.69 -10.76
N HIS B 154 6.05 -7.43 -10.35
CA HIS B 154 5.00 -6.43 -10.34
C HIS B 154 4.91 -5.64 -11.65
N ALA B 155 5.99 -5.60 -12.44
CA ALA B 155 6.01 -4.78 -13.65
C ALA B 155 4.95 -5.22 -14.64
N GLN B 156 4.27 -4.25 -15.24
CA GLN B 156 3.11 -4.51 -16.05
C GLN B 156 3.39 -4.11 -17.50
N ALA B 157 2.45 -4.44 -18.38
CA ALA B 157 2.65 -4.25 -19.83
C ALA B 157 3.05 -2.83 -20.17
N ASP B 158 2.63 -1.85 -19.35
CA ASP B 158 2.89 -0.47 -19.73
C ASP B 158 3.16 0.44 -18.53
N LYS B 159 3.45 -0.12 -17.35
CA LYS B 159 3.82 0.74 -16.23
C LYS B 159 4.79 0.00 -15.34
N MET B 160 5.67 0.77 -14.72
CA MET B 160 6.44 0.25 -13.60
C MET B 160 5.51 0.02 -12.41
N ASN B 161 6.01 -0.75 -11.45
CA ASN B 161 5.28 -1.00 -10.22
C ASN B 161 6.20 -1.73 -9.28
N GLY B 162 6.02 -1.47 -7.99
CA GLY B 162 6.65 -2.24 -6.93
C GLY B 162 8.12 -2.55 -7.17
N TYR B 163 8.90 -1.53 -7.53
CA TYR B 163 10.34 -1.62 -7.77
C TYR B 163 10.70 -2.36 -9.05
N CYS B 164 9.74 -2.67 -9.92
CA CYS B 164 10.00 -3.43 -11.13
C CYS B 164 9.78 -2.57 -12.35
N MET B 165 10.77 -2.54 -13.25
CA MET B 165 10.62 -1.99 -14.59
C MET B 165 10.09 -3.01 -15.60
N PHE B 166 10.75 -4.15 -15.73
CA PHE B 166 10.35 -5.16 -16.71
C PHE B 166 10.08 -6.50 -16.02
N ASN B 167 9.03 -7.18 -16.47
CA ASN B 167 8.63 -8.42 -15.81
C ASN B 167 9.50 -9.56 -16.34
N ASN B 168 10.61 -9.81 -15.62
CA ASN B 168 11.60 -10.80 -16.04
C ASN B 168 10.97 -12.15 -16.34
N LEU B 169 10.12 -12.66 -15.46
CA LEU B 169 9.62 -14.02 -15.66
C LEU B 169 8.54 -14.07 -16.74
N ALA B 170 7.69 -13.03 -16.80
CA ALA B 170 6.67 -13.01 -17.85
C ALA B 170 7.32 -12.99 -19.23
N ILE B 171 8.40 -12.24 -19.37
CA ILE B 171 9.18 -12.25 -20.60
C ILE B 171 9.81 -13.62 -20.83
N ALA B 172 10.43 -14.21 -19.80
CA ALA B 172 11.07 -15.50 -19.99
C ALA B 172 10.08 -16.55 -20.46
N ALA B 173 8.88 -16.56 -19.86
CA ALA B 173 7.87 -17.55 -20.21
C ALA B 173 7.49 -17.48 -21.68
N ARG B 174 7.32 -16.27 -22.21
CA ARG B 174 6.93 -16.12 -23.60
C ARG B 174 8.11 -16.39 -24.52
N TYR B 175 9.31 -15.98 -24.09
CA TYR B 175 10.53 -16.32 -24.80
C TYR B 175 10.67 -17.82 -24.93
N ALA B 176 10.40 -18.56 -23.83
CA ALA B 176 10.46 -20.01 -23.89
C ALA B 176 9.51 -20.54 -24.95
N GLN B 177 8.32 -19.95 -25.04
CA GLN B 177 7.31 -20.45 -25.96
C GLN B 177 7.67 -20.11 -27.40
N LYS B 178 8.21 -18.91 -27.64
CA LYS B 178 8.52 -18.52 -29.02
C LYS B 178 9.79 -19.21 -29.52
N ARG B 179 10.89 -19.12 -28.76
CA ARG B 179 12.18 -19.57 -29.26
C ARG B 179 12.41 -21.06 -29.07
N HIS B 180 11.75 -21.70 -28.10
CA HIS B 180 11.97 -23.12 -27.83
C HIS B 180 10.71 -23.96 -27.95
N ARG B 181 9.63 -23.43 -28.51
CA ARG B 181 8.43 -24.19 -28.82
C ARG B 181 7.81 -24.83 -27.57
N VAL B 182 8.12 -24.30 -26.39
CA VAL B 182 7.43 -24.70 -25.18
C VAL B 182 5.94 -24.43 -25.33
N GLN B 183 5.12 -25.41 -24.98
CA GLN B 183 3.69 -25.14 -24.98
C GLN B 183 3.19 -24.62 -23.63
N ARG B 184 3.69 -25.19 -22.53
CA ARG B 184 3.09 -24.94 -21.22
C ARG B 184 4.18 -24.54 -20.24
N VAL B 185 4.04 -23.36 -19.64
CA VAL B 185 4.98 -22.87 -18.64
C VAL B 185 4.25 -22.73 -17.31
N LEU B 186 4.92 -23.13 -16.23
CA LEU B 186 4.44 -22.95 -14.87
C LEU B 186 5.28 -21.87 -14.19
N ILE B 187 4.60 -20.88 -13.59
CA ILE B 187 5.27 -19.83 -12.81
C ILE B 187 4.84 -19.96 -11.36
N VAL B 188 5.81 -20.23 -10.48
CA VAL B 188 5.58 -20.37 -9.05
C VAL B 188 6.17 -19.17 -8.34
N ASP B 189 5.33 -18.44 -7.61
CA ASP B 189 5.70 -17.15 -7.04
C ASP B 189 5.60 -17.25 -5.51
N TRP B 190 6.71 -17.52 -4.83
CA TRP B 190 6.70 -17.69 -3.38
C TRP B 190 7.20 -16.48 -2.63
N ASP B 191 7.48 -15.39 -3.35
CA ASP B 191 7.72 -14.09 -2.71
C ASP B 191 6.53 -13.71 -1.82
N VAL B 192 6.78 -12.88 -0.81
CA VAL B 192 5.70 -12.62 0.14
C VAL B 192 4.62 -11.71 -0.43
N HIS B 193 4.92 -10.99 -1.52
CA HIS B 193 3.94 -10.13 -2.18
C HIS B 193 3.33 -10.83 -3.39
N HIS B 194 2.07 -10.49 -3.67
CA HIS B 194 1.39 -10.95 -4.86
C HIS B 194 2.06 -10.40 -6.12
N GLY B 195 2.27 -11.25 -7.12
CA GLY B 195 2.86 -10.76 -8.36
C GLY B 195 1.80 -10.36 -9.36
N GLN B 196 1.09 -9.26 -9.09
CA GLN B 196 -0.08 -8.91 -9.89
C GLN B 196 0.29 -8.67 -11.36
N GLY B 197 1.52 -8.26 -11.63
CA GLY B 197 1.94 -8.06 -13.00
C GLY B 197 1.99 -9.35 -13.79
N ILE B 198 2.55 -10.41 -13.18
CA ILE B 198 2.52 -11.72 -13.83
C ILE B 198 1.09 -12.17 -14.05
N GLN B 199 0.24 -12.00 -13.03
CA GLN B 199 -1.16 -12.42 -13.16
C GLN B 199 -1.87 -11.69 -14.29
N TYR B 200 -1.68 -10.37 -14.39
CA TYR B 200 -2.39 -9.60 -15.42
C TYR B 200 -1.95 -10.02 -16.82
N ILE B 201 -0.66 -10.25 -17.00
CA ILE B 201 -0.13 -10.56 -18.32
C ILE B 201 -0.69 -11.89 -18.85
N PHE B 202 -0.94 -12.86 -17.96
CA PHE B 202 -1.39 -14.18 -18.38
C PHE B 202 -2.79 -14.50 -17.92
N GLU B 203 -3.58 -13.49 -17.53
CA GLU B 203 -4.91 -13.72 -16.97
C GLU B 203 -5.82 -14.50 -17.90
N GLU B 204 -5.68 -14.31 -19.21
CA GLU B 204 -6.55 -14.95 -20.17
C GLU B 204 -5.89 -16.12 -20.88
N ASP B 205 -4.80 -16.63 -20.31
CA ASP B 205 -3.87 -17.48 -21.04
C ASP B 205 -3.74 -18.82 -20.33
N PRO B 206 -4.27 -19.89 -20.91
CA PRO B 206 -4.17 -21.21 -20.27
C PRO B 206 -2.82 -21.86 -20.46
N SER B 207 -1.96 -21.30 -21.30
CA SER B 207 -0.70 -21.95 -21.61
C SER B 207 0.38 -21.62 -20.59
N VAL B 208 0.14 -20.61 -19.75
CA VAL B 208 1.07 -20.19 -18.71
C VAL B 208 0.29 -20.19 -17.40
N LEU B 209 0.58 -21.13 -16.52
CA LEU B 209 -0.11 -21.26 -15.25
C LEU B 209 0.65 -20.47 -14.18
N TYR B 210 -0.04 -19.51 -13.54
CA TYR B 210 0.57 -18.68 -12.51
C TYR B 210 0.04 -19.06 -11.12
N PHE B 211 0.95 -19.36 -10.20
CA PHE B 211 0.63 -19.66 -8.81
C PHE B 211 1.35 -18.66 -7.92
N SER B 212 0.61 -18.08 -6.97
CA SER B 212 1.18 -17.10 -6.05
C SER B 212 0.66 -17.37 -4.64
N VAL B 213 1.57 -17.60 -3.70
CA VAL B 213 1.24 -17.56 -2.29
C VAL B 213 1.80 -16.25 -1.73
N HIS B 214 0.99 -15.53 -0.96
CA HIS B 214 1.39 -14.19 -0.58
C HIS B 214 0.60 -13.74 0.65
N ARG B 215 1.22 -12.84 1.40
CA ARG B 215 0.53 -12.10 2.45
C ARG B 215 -0.53 -11.18 1.84
N TYR B 216 -1.74 -11.23 2.41
CA TYR B 216 -2.91 -10.52 1.89
C TYR B 216 -3.62 -9.69 2.95
N GLU B 217 -4.03 -10.33 4.06
CA GLU B 217 -4.81 -9.69 5.12
C GLU B 217 -5.99 -8.90 4.54
N ASP B 218 -6.80 -9.60 3.75
CA ASP B 218 -8.02 -9.06 3.16
C ASP B 218 -7.76 -7.79 2.38
N GLY B 219 -6.55 -7.66 1.83
CA GLY B 219 -6.21 -6.51 1.04
C GLY B 219 -5.54 -5.38 1.80
N SER B 220 -5.36 -5.51 3.11
CA SER B 220 -4.69 -4.43 3.84
C SER B 220 -3.18 -4.45 3.65
N PHE B 221 -2.61 -5.54 3.13
CA PHE B 221 -1.18 -5.61 2.85
C PHE B 221 -0.93 -5.27 1.39
N TRP B 222 0.16 -4.56 1.13
CA TRP B 222 0.47 -4.13 -0.23
C TRP B 222 0.49 -5.36 -1.16
N PRO B 223 -0.01 -5.25 -2.40
CA PRO B 223 -0.46 -4.05 -3.11
C PRO B 223 -1.94 -3.71 -3.01
N HIS B 224 -2.64 -4.28 -2.03
CA HIS B 224 -4.03 -3.89 -1.73
C HIS B 224 -4.97 -4.09 -2.92
N LEU B 225 -5.03 -5.31 -3.45
CA LEU B 225 -5.84 -5.58 -4.64
C LEU B 225 -6.84 -6.71 -4.39
N LYS B 226 -8.10 -6.46 -4.75
CA LYS B 226 -9.08 -7.55 -4.79
C LYS B 226 -8.59 -8.72 -5.63
N GLU B 227 -8.00 -8.43 -6.79
CA GLU B 227 -7.49 -9.46 -7.69
C GLU B 227 -6.43 -10.34 -7.05
N SER B 228 -5.96 -10.03 -5.83
CA SER B 228 -5.00 -10.90 -5.18
C SER B 228 -5.67 -12.00 -4.35
N ASP B 229 -6.99 -11.95 -4.22
CA ASP B 229 -7.75 -13.00 -3.55
C ASP B 229 -7.89 -14.24 -4.43
N SER B 230 -8.20 -15.36 -3.79
CA SER B 230 -8.25 -16.63 -4.49
C SER B 230 -9.44 -16.74 -5.44
N SER B 231 -10.40 -15.82 -5.38
CA SER B 231 -11.52 -15.79 -6.32
C SER B 231 -11.08 -15.36 -7.72
N SER B 232 -9.89 -14.80 -7.88
CA SER B 232 -9.37 -14.47 -9.21
C SER B 232 -8.68 -15.72 -9.75
N VAL B 233 -9.42 -16.52 -10.51
CA VAL B 233 -8.90 -17.78 -11.03
C VAL B 233 -8.50 -17.65 -12.51
N GLY B 234 -8.45 -16.44 -13.03
CA GLY B 234 -8.29 -16.20 -14.45
C GLY B 234 -9.63 -16.00 -15.14
N SER B 235 -9.57 -15.60 -16.41
CA SER B 235 -10.78 -15.24 -17.13
C SER B 235 -10.70 -15.76 -18.55
N GLY B 236 -11.87 -15.94 -19.16
CA GLY B 236 -11.92 -16.54 -20.48
C GLY B 236 -11.28 -17.90 -20.50
N ALA B 237 -10.48 -18.15 -21.54
CA ALA B 237 -9.75 -19.41 -21.65
C ALA B 237 -8.82 -19.64 -20.47
N GLY B 238 -8.37 -18.57 -19.80
CA GLY B 238 -7.45 -18.64 -18.69
C GLY B 238 -8.06 -19.06 -17.39
N GLN B 239 -9.37 -19.19 -17.37
CA GLN B 239 -10.07 -19.60 -16.17
C GLN B 239 -9.51 -20.93 -15.66
N GLY B 240 -9.10 -20.95 -14.39
CA GLY B 240 -8.47 -22.10 -13.77
C GLY B 240 -6.95 -22.09 -13.78
N TYR B 241 -6.33 -21.18 -14.53
CA TYR B 241 -4.89 -21.14 -14.72
C TYR B 241 -4.24 -19.97 -13.97
N ASN B 242 -4.97 -19.36 -13.04
CA ASN B 242 -4.42 -18.37 -12.12
C ASN B 242 -4.82 -18.75 -10.71
N ILE B 243 -3.83 -18.96 -9.84
CA ILE B 243 -4.07 -19.55 -8.52
C ILE B 243 -3.41 -18.68 -7.47
N ASN B 244 -4.23 -17.97 -6.69
CA ASN B 244 -3.78 -17.13 -5.60
C ASN B 244 -4.01 -17.83 -4.26
N LEU B 245 -2.98 -17.87 -3.43
CA LEU B 245 -3.07 -18.43 -2.07
C LEU B 245 -2.78 -17.30 -1.11
N PRO B 246 -3.82 -16.58 -0.64
CA PRO B 246 -3.59 -15.39 0.18
C PRO B 246 -3.60 -15.69 1.67
N TRP B 247 -2.55 -15.28 2.38
CA TRP B 247 -2.49 -15.45 3.82
C TRP B 247 -3.21 -14.29 4.51
N ASN B 248 -4.01 -14.61 5.52
CA ASN B 248 -4.80 -13.58 6.19
C ASN B 248 -4.40 -13.40 7.64
N LYS B 249 -3.33 -14.05 8.06
CA LYS B 249 -2.69 -13.80 9.33
C LYS B 249 -1.19 -13.82 9.09
N VAL B 250 -0.45 -13.12 9.93
CA VAL B 250 1.01 -13.10 9.85
C VAL B 250 1.60 -14.31 10.55
N GLY B 251 2.90 -14.54 10.38
CA GLY B 251 3.59 -15.56 11.14
C GLY B 251 3.55 -16.95 10.56
N MET B 252 3.23 -17.11 9.27
CA MET B 252 3.19 -18.43 8.66
C MET B 252 4.58 -19.07 8.67
N GLU B 253 4.60 -20.38 8.76
CA GLU B 253 5.81 -21.16 8.96
C GLU B 253 5.96 -22.20 7.86
N SER B 254 7.09 -22.90 7.91
CA SER B 254 7.44 -23.90 6.90
C SER B 254 6.29 -24.87 6.62
N GLY B 255 5.71 -25.44 7.69
CA GLY B 255 4.65 -26.42 7.52
C GLY B 255 3.43 -25.88 6.81
N ASP B 256 3.22 -24.58 6.89
CA ASP B 256 2.14 -23.93 6.12
C ASP B 256 2.47 -23.89 4.63
N TYR B 257 3.73 -23.60 4.28
CA TYR B 257 4.12 -23.57 2.86
C TYR B 257 4.21 -24.97 2.27
N ILE B 258 4.78 -25.92 3.02
CA ILE B 258 4.84 -27.31 2.58
C ILE B 258 3.45 -27.87 2.34
N THR B 259 2.53 -27.62 3.28
CA THR B 259 1.16 -28.08 3.11
C THR B 259 0.56 -27.52 1.83
N ALA B 260 0.72 -26.20 1.64
CA ALA B 260 0.26 -25.55 0.41
C ALA B 260 0.79 -26.26 -0.83
N PHE B 261 2.13 -26.43 -0.93
CA PHE B 261 2.71 -27.05 -2.12
C PHE B 261 2.21 -28.49 -2.28
N GLN B 262 2.13 -29.24 -1.18
CA GLN B 262 1.87 -30.67 -1.27
C GLN B 262 0.44 -30.94 -1.66
N GLN B 263 -0.50 -30.10 -1.22
CA GLN B 263 -1.90 -30.41 -1.38
C GLN B 263 -2.61 -29.47 -2.33
N LEU B 264 -1.95 -28.42 -2.82
CA LEU B 264 -2.52 -27.55 -3.85
C LEU B 264 -1.65 -27.41 -5.09
N LEU B 265 -0.46 -26.82 -4.94
CA LEU B 265 0.36 -26.48 -6.10
C LEU B 265 0.82 -27.72 -6.85
N LEU B 266 1.53 -28.62 -6.17
CA LEU B 266 2.07 -29.79 -6.86
C LEU B 266 0.99 -30.66 -7.52
N PRO B 267 -0.15 -30.98 -6.89
CA PRO B 267 -1.20 -31.69 -7.65
C PRO B 267 -1.59 -31.01 -8.94
N VAL B 268 -1.73 -29.68 -8.93
CA VAL B 268 -2.08 -28.94 -10.14
C VAL B 268 -0.92 -28.98 -11.14
N ALA B 269 0.32 -28.86 -10.66
CA ALA B 269 1.47 -28.93 -11.56
C ALA B 269 1.51 -30.27 -12.30
N TYR B 270 1.40 -31.39 -11.58
CA TYR B 270 1.50 -32.69 -12.25
C TYR B 270 0.37 -32.88 -13.25
N GLU B 271 -0.80 -32.32 -12.99
CA GLU B 271 -1.90 -32.44 -13.94
C GLU B 271 -1.73 -31.46 -15.10
N PHE B 272 -1.09 -30.31 -14.85
CA PHE B 272 -0.86 -29.33 -15.90
C PHE B 272 0.24 -29.78 -16.84
N GLN B 273 1.22 -30.52 -16.32
CA GLN B 273 2.36 -31.05 -17.06
C GLN B 273 3.14 -29.96 -17.78
N PRO B 274 3.67 -28.96 -17.06
CA PRO B 274 4.45 -27.93 -17.72
C PRO B 274 5.70 -28.53 -18.36
N GLN B 275 6.25 -27.80 -19.31
CA GLN B 275 7.54 -28.20 -19.85
C GLN B 275 8.68 -27.38 -19.30
N LEU B 276 8.38 -26.25 -18.63
CA LEU B 276 9.34 -25.43 -17.92
C LEU B 276 8.68 -24.88 -16.66
N VAL B 277 9.48 -24.71 -15.61
CA VAL B 277 9.06 -24.07 -14.37
C VAL B 277 9.94 -22.87 -14.11
N LEU B 278 9.32 -21.73 -13.83
CA LEU B 278 10.00 -20.50 -13.47
C LEU B 278 9.56 -20.08 -12.08
N VAL B 279 10.50 -19.72 -11.22
CA VAL B 279 10.19 -19.39 -9.84
C VAL B 279 10.48 -17.91 -9.60
N ALA B 280 9.47 -17.16 -9.18
CA ALA B 280 9.67 -15.82 -8.65
C ALA B 280 10.18 -16.01 -7.24
N ALA B 281 11.50 -16.11 -7.14
CA ALA B 281 12.18 -16.54 -5.92
C ALA B 281 12.51 -15.34 -5.04
N GLY B 282 11.45 -14.73 -4.48
CA GLY B 282 11.64 -13.78 -3.40
C GLY B 282 11.85 -14.46 -2.05
N PHE B 283 12.41 -13.71 -1.11
CA PHE B 283 12.72 -14.28 0.19
C PHE B 283 12.32 -13.35 1.33
N ASP B 284 11.31 -12.51 1.10
CA ASP B 284 10.79 -11.64 2.15
C ASP B 284 9.75 -12.33 3.03
N ALA B 285 9.48 -13.63 2.78
CA ALA B 285 8.72 -14.46 3.72
C ALA B 285 9.62 -15.16 4.74
N VAL B 286 10.93 -15.06 4.58
CA VAL B 286 11.84 -15.74 5.50
C VAL B 286 11.76 -15.08 6.86
N ILE B 287 11.86 -15.92 7.91
CA ILE B 287 11.93 -15.42 9.27
C ILE B 287 12.98 -14.32 9.34
N GLY B 288 12.66 -13.25 10.07
CA GLY B 288 13.57 -12.14 10.23
C GLY B 288 13.47 -11.06 9.17
N ASP B 289 12.57 -11.19 8.21
CA ASP B 289 12.44 -10.11 7.23
C ASP B 289 11.61 -8.97 7.83
N PRO B 290 12.01 -7.72 7.62
CA PRO B 290 11.29 -6.60 8.24
C PRO B 290 9.93 -6.30 7.62
N LYS B 291 9.78 -6.49 6.31
CA LYS B 291 8.52 -6.17 5.65
C LYS B 291 7.53 -7.32 5.69
N GLY B 292 8.01 -8.55 5.49
CA GLY B 292 7.11 -9.65 5.15
C GLY B 292 6.23 -10.09 6.29
N GLY B 293 6.79 -10.17 7.50
CA GLY B 293 6.00 -10.57 8.65
C GLY B 293 5.75 -12.05 8.79
N MET B 294 6.48 -12.89 8.08
CA MET B 294 6.31 -14.32 8.18
C MET B 294 7.52 -14.94 8.88
N GLN B 295 7.40 -16.21 9.21
CA GLN B 295 8.37 -16.97 10.01
C GLN B 295 8.80 -18.23 9.28
N VAL B 296 9.17 -18.09 8.01
CA VAL B 296 9.61 -19.22 7.21
C VAL B 296 11.12 -19.37 7.38
N SER B 297 11.55 -20.54 7.79
CA SER B 297 12.96 -20.81 7.90
C SER B 297 13.56 -20.96 6.50
N PRO B 298 14.77 -20.46 6.27
CA PRO B 298 15.39 -20.63 4.95
C PRO B 298 15.39 -22.07 4.47
N GLU B 299 15.61 -23.05 5.37
CA GLU B 299 15.63 -24.45 4.97
C GLU B 299 14.33 -24.89 4.32
N CYS B 300 13.23 -24.16 4.54
CA CYS B 300 11.99 -24.53 3.89
C CYS B 300 12.14 -24.49 2.38
N PHE B 301 12.90 -23.52 1.86
CA PHE B 301 13.02 -23.39 0.43
C PHE B 301 13.84 -24.50 -0.21
N SER B 302 14.68 -25.19 0.56
CA SER B 302 15.24 -26.45 0.07
C SER B 302 14.14 -27.44 -0.26
N ILE B 303 13.19 -27.62 0.66
CA ILE B 303 12.11 -28.58 0.43
C ILE B 303 11.26 -28.13 -0.74
N LEU B 304 10.86 -26.85 -0.73
CA LEU B 304 10.02 -26.33 -1.81
C LEU B 304 10.71 -26.45 -3.16
N THR B 305 12.00 -26.12 -3.23
CA THR B 305 12.73 -26.30 -4.49
C THR B 305 12.75 -27.77 -4.91
N HIS B 306 12.98 -28.67 -3.95
CA HIS B 306 13.09 -30.08 -4.29
C HIS B 306 11.78 -30.62 -4.89
N MET B 307 10.64 -30.26 -4.30
CA MET B 307 9.34 -30.60 -4.88
C MET B 307 9.22 -30.16 -6.34
N LEU B 308 9.70 -28.96 -6.68
CA LEU B 308 9.51 -28.46 -8.04
C LEU B 308 10.42 -29.16 -9.05
N LYS B 309 11.56 -29.68 -8.62
CA LYS B 309 12.39 -30.50 -9.50
C LYS B 309 11.69 -31.79 -9.95
N GLY B 310 10.55 -32.15 -9.37
CA GLY B 310 9.84 -33.33 -9.82
C GLY B 310 9.07 -33.17 -11.11
N VAL B 311 8.84 -31.92 -11.55
CA VAL B 311 7.98 -31.65 -12.69
C VAL B 311 8.84 -31.12 -13.82
N ALA B 312 8.34 -31.29 -15.05
CA ALA B 312 8.97 -30.73 -16.26
C ALA B 312 10.42 -31.19 -16.43
N GLN B 313 10.68 -32.45 -16.07
CA GLN B 313 12.02 -33.02 -16.15
C GLN B 313 13.03 -32.20 -15.36
N GLY B 314 12.57 -31.51 -14.32
CA GLY B 314 13.50 -30.70 -13.56
C GLY B 314 13.99 -29.44 -14.24
N ARG B 315 13.39 -29.03 -15.36
CA ARG B 315 13.73 -27.77 -16.01
C ARG B 315 13.22 -26.59 -15.19
N LEU B 316 14.07 -26.13 -14.29
CA LEU B 316 13.70 -25.24 -13.21
C LEU B 316 14.63 -24.03 -13.27
N VAL B 317 14.06 -22.83 -13.35
CA VAL B 317 14.86 -21.61 -13.32
C VAL B 317 14.31 -20.71 -12.22
N LEU B 318 15.17 -20.33 -11.29
CA LEU B 318 14.84 -19.42 -10.20
C LEU B 318 15.42 -18.05 -10.49
N ALA B 319 14.68 -16.99 -10.14
CA ALA B 319 15.10 -15.62 -10.36
C ALA B 319 14.70 -14.76 -9.18
N LEU B 320 15.66 -14.01 -8.64
CA LEU B 320 15.44 -13.26 -7.41
C LEU B 320 14.34 -12.20 -7.60
N GLU B 321 13.47 -12.07 -6.60
CA GLU B 321 12.47 -11.01 -6.56
C GLU B 321 12.79 -10.16 -5.33
N GLY B 322 11.95 -10.21 -4.29
CA GLY B 322 12.14 -9.41 -3.11
C GLY B 322 13.00 -10.11 -2.07
N GLY B 323 13.23 -9.40 -0.96
CA GLY B 323 14.12 -9.89 0.07
C GLY B 323 14.90 -8.75 0.66
N TYR B 324 14.66 -8.43 1.93
CA TYR B 324 15.16 -7.19 2.51
C TYR B 324 15.96 -7.37 3.79
N ASN B 325 15.97 -8.55 4.39
CA ASN B 325 16.97 -8.89 5.40
C ASN B 325 18.11 -9.60 4.68
N LEU B 326 19.30 -9.00 4.71
CA LEU B 326 20.37 -9.46 3.83
C LEU B 326 20.82 -10.87 4.19
N GLN B 327 20.88 -11.20 5.48
CA GLN B 327 21.24 -12.55 5.90
C GLN B 327 20.10 -13.54 5.62
N SER B 328 18.87 -13.19 6.00
CA SER B 328 17.73 -14.04 5.68
C SER B 328 17.64 -14.33 4.20
N THR B 329 17.79 -13.29 3.37
CA THR B 329 17.65 -13.46 1.93
C THR B 329 18.76 -14.35 1.38
N ALA B 330 19.99 -14.13 1.83
CA ALA B 330 21.10 -14.96 1.37
C ALA B 330 20.94 -16.40 1.85
N GLU B 331 20.48 -16.61 3.10
CA GLU B 331 20.27 -17.96 3.58
C GLU B 331 19.18 -18.66 2.78
N GLY B 332 18.13 -17.93 2.40
CA GLY B 332 17.09 -18.49 1.55
C GLY B 332 17.60 -18.88 0.17
N VAL B 333 18.44 -18.04 -0.43
CA VAL B 333 19.01 -18.39 -1.73
C VAL B 333 19.92 -19.60 -1.59
N CYS B 334 20.68 -19.66 -0.50
CA CYS B 334 21.61 -20.76 -0.30
C CYS B 334 20.86 -22.08 -0.13
N ALA B 335 19.71 -22.04 0.54
CA ALA B 335 18.93 -23.28 0.71
C ALA B 335 18.34 -23.76 -0.62
N SER B 336 17.87 -22.84 -1.47
CA SER B 336 17.38 -23.26 -2.78
C SER B 336 18.51 -23.82 -3.63
N MET B 337 19.68 -23.18 -3.59
CA MET B 337 20.79 -23.60 -4.43
C MET B 337 21.28 -24.99 -4.05
N ARG B 338 21.24 -25.31 -2.75
CA ARG B 338 21.58 -26.66 -2.31
C ARG B 338 20.70 -27.72 -2.98
N SER B 339 19.42 -27.43 -3.18
CA SER B 339 18.58 -28.42 -3.82
C SER B 339 18.77 -28.43 -5.33
N LEU B 340 19.02 -27.26 -5.94
CA LEU B 340 19.33 -27.25 -7.36
C LEU B 340 20.50 -28.17 -7.67
N LEU B 341 21.51 -28.15 -6.81
CA LEU B 341 22.70 -28.97 -7.00
C LEU B 341 22.53 -30.45 -6.63
N GLY B 342 21.41 -30.84 -6.00
CA GLY B 342 21.20 -32.23 -5.61
C GLY B 342 21.70 -32.63 -4.24
N ASP B 343 21.98 -31.69 -3.34
CA ASP B 343 22.38 -32.03 -1.99
C ASP B 343 21.20 -32.59 -1.19
N PRO B 344 21.47 -33.36 -0.14
CA PRO B 344 20.37 -33.88 0.70
C PRO B 344 19.51 -32.76 1.25
N CYS B 345 18.19 -33.00 1.28
CA CYS B 345 17.28 -32.05 1.89
C CYS B 345 17.59 -31.95 3.37
N PRO B 346 17.49 -30.77 3.96
CA PRO B 346 17.81 -30.61 5.38
C PRO B 346 16.72 -31.19 6.27
N HIS B 347 17.02 -31.25 7.55
CA HIS B 347 16.02 -31.54 8.55
C HIS B 347 15.33 -30.22 8.91
N LEU B 348 14.00 -30.27 9.00
CA LEU B 348 13.25 -29.04 9.23
C LEU B 348 13.02 -28.84 10.73
N PRO B 349 13.54 -27.75 11.31
CA PRO B 349 13.45 -27.58 12.77
C PRO B 349 12.04 -27.37 13.30
N SER B 350 11.04 -27.21 12.44
CA SER B 350 9.71 -26.85 12.89
C SER B 350 8.69 -27.92 12.49
N SER B 351 7.45 -27.70 12.91
CA SER B 351 6.36 -28.63 12.64
C SER B 351 6.08 -28.70 11.14
N GLY B 352 6.02 -29.91 10.59
CA GLY B 352 5.68 -30.06 9.20
C GLY B 352 4.18 -30.12 8.97
N ALA B 353 3.39 -29.60 9.92
CA ALA B 353 1.94 -29.58 9.94
C ALA B 353 1.40 -28.16 10.03
N PRO B 354 0.32 -27.86 9.30
CA PRO B 354 -0.13 -26.47 9.14
C PRO B 354 -1.08 -26.00 10.22
N CYS B 355 -1.09 -24.68 10.42
CA CYS B 355 -2.04 -24.06 11.33
C CYS B 355 -3.40 -23.89 10.68
N GLU B 356 -4.42 -23.57 11.50
CA GLU B 356 -5.79 -23.50 11.02
C GLU B 356 -6.00 -22.35 10.04
N SER B 357 -5.37 -21.21 10.28
CA SER B 357 -5.49 -20.08 9.36
C SER B 357 -4.91 -20.41 7.98
N ALA B 358 -3.79 -21.15 7.93
CA ALA B 358 -3.28 -21.63 6.65
C ALA B 358 -4.22 -22.64 6.04
N LEU B 359 -4.79 -23.52 6.87
CA LEU B 359 -5.72 -24.51 6.35
C LEU B 359 -6.96 -23.85 5.76
N LYS B 360 -7.39 -22.71 6.35
CA LYS B 360 -8.55 -22.00 5.81
C LYS B 360 -8.25 -21.33 4.48
N SER B 361 -7.11 -20.67 4.37
CA SER B 361 -6.73 -20.15 3.07
C SER B 361 -6.61 -21.27 2.04
N ILE B 362 -5.86 -22.32 2.39
CA ILE B 362 -5.65 -23.43 1.46
C ILE B 362 -7.00 -24.00 1.01
N SER B 363 -7.88 -24.32 1.98
CA SER B 363 -9.19 -24.88 1.64
C SER B 363 -9.97 -23.93 0.75
N LYS B 364 -9.95 -22.64 1.06
CA LYS B 364 -10.72 -21.71 0.25
C LYS B 364 -10.19 -21.66 -1.18
N THR B 365 -8.86 -21.59 -1.36
CA THR B 365 -8.29 -21.60 -2.70
C THR B 365 -8.68 -22.88 -3.44
N ILE B 366 -8.53 -24.05 -2.80
CA ILE B 366 -8.92 -25.31 -3.43
C ILE B 366 -10.36 -25.24 -3.91
N SER B 367 -11.22 -24.62 -3.10
CA SER B 367 -12.64 -24.56 -3.42
C SER B 367 -12.88 -23.67 -4.64
N ASP B 368 -12.16 -22.54 -4.74
CA ASP B 368 -12.26 -21.69 -5.92
C ASP B 368 -11.74 -22.40 -7.17
N LEU B 369 -10.76 -23.31 -7.03
CA LEU B 369 -10.09 -23.94 -8.15
C LEU B 369 -10.59 -25.36 -8.42
N TYR B 370 -11.37 -25.93 -7.49
CA TYR B 370 -11.93 -27.28 -7.58
C TYR B 370 -12.50 -27.67 -8.94
N PRO B 371 -13.37 -26.89 -9.58
CA PRO B 371 -13.97 -27.36 -10.83
C PRO B 371 -13.00 -27.52 -11.98
N PHE B 372 -11.78 -26.97 -11.90
CA PHE B 372 -10.90 -26.95 -13.05
C PHE B 372 -9.77 -27.97 -12.97
N TRP B 373 -9.66 -28.72 -11.88
CA TRP B 373 -8.52 -29.61 -11.66
C TRP B 373 -8.98 -30.91 -10.99
N LYS B 374 -8.95 -32.01 -11.74
CA LYS B 374 -9.38 -33.30 -11.22
C LYS B 374 -8.54 -33.74 -10.03
N SER B 375 -7.28 -33.31 -9.96
CA SER B 375 -6.41 -33.65 -8.84
C SER B 375 -6.83 -32.99 -7.53
N LEU B 376 -7.73 -32.01 -7.54
CA LEU B 376 -8.17 -31.31 -6.33
C LEU B 376 -9.50 -31.82 -5.82
N GLN B 377 -10.04 -32.87 -6.43
CA GLN B 377 -11.38 -33.35 -6.11
C GLN B 377 -11.28 -34.60 -5.24
N THR B 378 -10.77 -34.39 -4.03
CA THR B 378 -10.75 -35.45 -3.05
C THR B 378 -11.94 -35.31 -2.09
ZN ZN C . -7.33 6.45 7.92
K K D . -3.41 12.32 9.02
K K E . -1.25 24.52 1.88
O1 TSN F . -8.18 7.44 6.45
O2 TSN F . -8.76 4.88 6.57
O3 TSN F . -6.76 -1.55 4.09
N1 TSN F . -7.97 6.68 5.39
N2 TSN F . -9.01 -3.98 -1.36
C1 TSN F . -7.38 -1.90 1.88
C2 TSN F . -7.20 -1.42 0.57
C3 TSN F . -7.74 -2.10 -0.50
C4 TSN F . -8.47 -3.29 -0.29
C5 TSN F . -8.63 -3.77 1.03
C6 TSN F . -8.10 -3.07 2.09
C7 TSN F . -6.81 -1.12 2.96
C8 TSN F . -6.31 0.27 2.64
C9 TSN F . -6.77 1.22 3.68
C10 TSN F . -7.25 2.44 3.41
C11 TSN F . -7.64 3.28 4.50
C12 TSN F . -8.04 4.55 4.32
C13 TSN F . -8.32 5.33 5.52
C14 TSN F . -4.79 0.24 2.63
C15 TSN F . -7.31 3.01 2.00
C17 TSN F . -8.97 -3.37 -2.69
C16 TSN F . -9.64 -5.30 -1.23
ZN ZN G . 8.16 -9.11 -2.14
K K H . 3.87 -14.46 -4.18
K K I . -2.76 -17.85 -16.53
O1 TSN J . 8.31 -8.60 -4.07
O2 TSN J . 9.25 -6.83 -2.35
O3 TSN J . 7.51 -0.71 1.49
N1 TSN J . 7.78 -7.36 -4.04
N2 TSN J . 8.29 5.20 -0.88
C1 TSN J . 7.50 1.21 0.11
C2 TSN J . 6.88 1.81 -0.98
C3 TSN J . 7.13 3.12 -1.32
C4 TSN J . 8.04 3.87 -0.56
C5 TSN J . 8.68 3.27 0.56
C6 TSN J . 8.41 1.96 0.87
C7 TSN J . 7.20 -0.21 0.41
C8 TSN J . 6.47 -1.03 -0.64
C9 TSN J . 7.10 -2.40 -0.81
C10 TSN J . 7.26 -3.03 -1.98
C11 TSN J . 7.88 -4.35 -2.03
C12 TSN J . 7.71 -5.15 -3.09
C13 TSN J . 8.33 -6.48 -3.09
C14 TSN J . 5.02 -1.16 -0.22
C15 TSN J . 6.84 -2.48 -3.30
C17 TSN J . 7.75 5.77 -2.13
C16 TSN J . 9.03 6.07 0.02
#